data_7JS8
#
_entry.id   7JS8
#
_cell.length_a   92.430
_cell.length_b   99.160
_cell.length_c   139.650
_cell.angle_alpha   90.000
_cell.angle_beta   90.000
_cell.angle_gamma   90.000
#
_symmetry.space_group_name_H-M   'P 21 21 21'
#
loop_
_entity.id
_entity.type
_entity.pdbx_description
1 polymer 'Histone deacetylase 2'
2 non-polymer 'ZINC ION'
3 non-polymer 'SULFATE ION'
4 non-polymer 'CALCIUM ION'
5 non-polymer DI(HYDROXYETHYL)ETHER
6 non-polymer (1S)-N-{(1S)-7,7-dihydroxy-1-[4-(2-methylquinolin-6-yl)-1H-imidazol-2-yl]nonyl}-6-methyl-6-azaspiro[2.5]octane-1-carboxamide
7 water water
#
_entity_poly.entity_id   1
_entity_poly.type   'polypeptide(L)'
_entity_poly.pdbx_seq_one_letter_code
;MAYSQGGGKKKVCYYYDGDIGNYYYGQGHPMKPHRIRMTHNLLLNYGLYRKMEIYRPHKATAEEMTKYHSDEYIKFLRSI
RPDNMSEYSKQMQRFNVGEDCPVFDGLFEFCQLSTGGSVAGAVKLNRQQTDMAVNWAGGLHHAKKSEASGFCYVNDIVLA
ILELLKYHQRVLYIDIDIHHGDGVEEAFYTTDRVMTVSFHKYGEYFPGTGDLRDIGAGKGKYYAVNFPMRDGIDDESYGQ
IFKPIISKVMEMYQPSAVVLQCGADSLSGDRLGCFNLTVKGHAKCVEVVKTFNLPLLMLGGGGYTIRNVARCWTYETAVA
LDCEIPNELPYNDYFEYFGPDFKLHISPSNMTNQNTPEYMEKIKQRLFENLRMLPH
;
_entity_poly.pdbx_strand_id   A,B,C
#
# COMPACT_ATOMS: atom_id res chain seq x y z
N GLY A 8 -23.33 17.18 -25.51
CA GLY A 8 -23.02 18.40 -26.24
C GLY A 8 -22.76 19.60 -25.33
N LYS A 9 -22.66 20.79 -25.93
CA LYS A 9 -22.42 22.03 -25.20
C LYS A 9 -23.62 22.35 -24.30
N LYS A 10 -23.33 22.84 -23.10
CA LYS A 10 -24.36 23.09 -22.11
C LYS A 10 -24.59 24.56 -21.77
N LYS A 11 -25.75 24.86 -21.21
CA LYS A 11 -26.09 26.19 -20.78
C LYS A 11 -25.39 26.37 -19.42
N VAL A 12 -24.66 27.47 -19.25
CA VAL A 12 -23.95 27.75 -18.01
C VAL A 12 -24.43 29.05 -17.43
N CYS A 13 -24.83 29.03 -16.15
CA CYS A 13 -25.25 30.22 -15.43
C CYS A 13 -24.16 30.51 -14.41
N TYR A 14 -23.75 31.74 -14.32
CA TYR A 14 -22.63 32.14 -13.45
C TYR A 14 -23.10 33.21 -12.48
N TYR A 15 -22.74 33.07 -11.19
CA TYR A 15 -23.18 33.97 -10.13
C TYR A 15 -22.03 34.78 -9.61
N TYR A 16 -22.20 36.10 -9.56
CA TYR A 16 -21.13 36.99 -9.11
C TYR A 16 -21.70 38.30 -8.63
N ASP A 17 -21.20 38.81 -7.51
CA ASP A 17 -21.58 40.14 -7.04
C ASP A 17 -20.30 40.96 -7.04
N GLY A 18 -20.32 42.09 -7.73
CA GLY A 18 -19.19 43.00 -7.84
C GLY A 18 -18.62 43.51 -6.53
N ASP A 19 -19.39 43.43 -5.44
CA ASP A 19 -18.89 43.85 -4.13
C ASP A 19 -18.09 42.77 -3.42
N ILE A 20 -18.16 41.51 -3.86
CA ILE A 20 -17.48 40.40 -3.18
C ILE A 20 -15.99 40.63 -2.95
N GLY A 21 -15.29 41.22 -3.90
CA GLY A 21 -13.85 41.44 -3.80
C GLY A 21 -13.40 42.45 -2.76
N ASN A 22 -14.34 43.25 -2.21
CA ASN A 22 -14.03 44.27 -1.20
C ASN A 22 -14.02 43.74 0.24
N TYR A 23 -14.51 42.52 0.47
CA TYR A 23 -14.52 41.96 1.83
C TYR A 23 -13.09 41.59 2.19
N TYR A 24 -12.63 41.97 3.40
CA TYR A 24 -11.25 41.80 3.79
C TYR A 24 -11.13 41.10 5.11
N TYR A 25 -10.45 39.95 5.11
CA TYR A 25 -10.29 39.18 6.33
C TYR A 25 -9.25 39.81 7.31
N GLY A 26 -8.43 40.75 6.84
CA GLY A 26 -7.44 41.36 7.71
C GLY A 26 -6.02 41.14 7.23
N GLN A 27 -5.10 42.02 7.63
CA GLN A 27 -3.71 41.91 7.20
C GLN A 27 -3.07 40.57 7.50
N GLY A 28 -2.51 39.95 6.48
CA GLY A 28 -1.84 38.67 6.63
C GLY A 28 -2.74 37.45 6.55
N HIS A 29 -4.09 37.64 6.60
CA HIS A 29 -4.98 36.47 6.53
C HIS A 29 -4.91 35.90 5.11
N PRO A 30 -4.69 34.58 4.97
CA PRO A 30 -4.54 34.02 3.61
C PRO A 30 -5.78 34.11 2.73
N MET A 31 -6.97 34.12 3.33
CA MET A 31 -8.23 34.17 2.57
C MET A 31 -8.46 35.55 1.99
N LYS A 32 -8.47 35.63 0.66
CA LYS A 32 -8.62 36.91 -0.04
C LYS A 32 -9.74 36.94 -1.04
N PRO A 33 -10.91 37.46 -0.63
CA PRO A 33 -12.06 37.53 -1.56
C PRO A 33 -11.77 38.26 -2.85
N HIS A 34 -10.74 39.13 -2.88
CA HIS A 34 -10.30 39.83 -4.08
C HIS A 34 -9.97 38.83 -5.22
N ARG A 35 -9.57 37.57 -4.88
CA ARG A 35 -9.29 36.57 -5.91
C ARG A 35 -10.54 36.27 -6.78
N ILE A 36 -11.76 36.42 -6.22
N ILE A 36 -11.76 36.42 -6.23
CA ILE A 36 -13.02 36.21 -6.96
CA ILE A 36 -12.98 36.17 -7.00
C ILE A 36 -13.17 37.31 -8.02
C ILE A 36 -13.18 37.31 -8.03
N ARG A 37 -12.82 38.55 -7.67
CA ARG A 37 -12.88 39.68 -8.58
C ARG A 37 -11.79 39.51 -9.68
N MET A 38 -10.58 39.01 -9.30
CA MET A 38 -9.53 38.78 -10.30
C MET A 38 -10.01 37.71 -11.31
N THR A 39 -10.67 36.66 -10.80
CA THR A 39 -11.18 35.59 -11.64
C THR A 39 -12.21 36.18 -12.64
N HIS A 40 -13.14 36.96 -12.11
CA HIS A 40 -14.19 37.58 -12.91
C HIS A 40 -13.61 38.47 -14.01
N ASN A 41 -12.65 39.33 -13.63
CA ASN A 41 -12.07 40.24 -14.60
C ASN A 41 -11.27 39.51 -15.67
N LEU A 42 -10.60 38.41 -15.29
CA LEU A 42 -9.84 37.65 -16.26
C LEU A 42 -10.79 36.96 -17.23
N LEU A 43 -11.87 36.34 -16.71
CA LEU A 43 -12.79 35.64 -17.61
C LEU A 43 -13.57 36.65 -18.50
N LEU A 44 -13.82 37.88 -18.03
CA LEU A 44 -14.47 38.90 -18.85
C LEU A 44 -13.52 39.28 -20.00
N ASN A 45 -12.22 39.47 -19.68
CA ASN A 45 -11.25 39.86 -20.71
C ASN A 45 -10.95 38.75 -21.72
N TYR A 46 -11.26 37.49 -21.39
CA TYR A 46 -11.11 36.37 -22.34
C TYR A 46 -12.41 36.28 -23.23
N GLY A 47 -13.44 37.06 -22.92
CA GLY A 47 -14.71 37.07 -23.64
C GLY A 47 -15.64 35.95 -23.24
N LEU A 48 -15.42 35.32 -22.07
CA LEU A 48 -16.25 34.20 -21.62
C LEU A 48 -17.69 34.60 -21.19
N TYR A 49 -17.98 35.91 -21.16
CA TYR A 49 -19.31 36.44 -20.83
CA TYR A 49 -19.28 36.51 -20.84
C TYR A 49 -20.27 36.28 -22.02
N ARG A 50 -19.75 36.16 -23.25
CA ARG A 50 -20.58 36.01 -24.44
C ARG A 50 -21.41 34.74 -24.47
N LYS A 51 -20.96 33.69 -23.79
CA LYS A 51 -21.66 32.42 -23.80
C LYS A 51 -22.31 32.05 -22.45
N MET A 52 -22.22 32.90 -21.42
CA MET A 52 -22.80 32.58 -20.12
C MET A 52 -23.87 33.52 -19.69
N GLU A 53 -24.86 33.04 -18.91
CA GLU A 53 -25.87 33.92 -18.36
C GLU A 53 -25.26 34.36 -17.02
N ILE A 54 -25.02 35.66 -16.86
CA ILE A 54 -24.40 36.16 -15.62
C ILE A 54 -25.49 36.71 -14.71
N TYR A 55 -25.54 36.23 -13.47
CA TYR A 55 -26.52 36.66 -12.48
C TYR A 55 -25.85 37.22 -11.22
N ARG A 56 -26.51 38.19 -10.57
CA ARG A 56 -26.00 38.73 -9.32
C ARG A 56 -26.82 38.04 -8.25
N PRO A 57 -26.18 37.27 -7.37
CA PRO A 57 -26.94 36.54 -6.36
C PRO A 57 -27.66 37.46 -5.39
N HIS A 58 -28.80 37.04 -4.87
CA HIS A 58 -29.48 37.80 -3.83
C HIS A 58 -28.68 37.60 -2.50
N LYS A 59 -28.94 38.44 -1.50
CA LYS A 59 -28.29 38.27 -0.20
C LYS A 59 -29.16 37.26 0.55
N ALA A 60 -28.64 36.04 0.73
CA ALA A 60 -29.38 34.98 1.43
C ALA A 60 -29.80 35.45 2.83
N THR A 61 -31.05 35.16 3.20
CA THR A 61 -31.55 35.63 4.48
C THR A 61 -31.10 34.74 5.62
N ALA A 62 -31.12 35.27 6.87
CA ALA A 62 -30.80 34.48 8.08
C ALA A 62 -31.67 33.23 8.14
N GLU A 63 -32.94 33.37 7.69
CA GLU A 63 -33.93 32.31 7.59
C GLU A 63 -33.48 31.20 6.62
N GLU A 64 -32.97 31.56 5.42
CA GLU A 64 -32.46 30.58 4.45
C GLU A 64 -31.28 29.82 5.10
N MET A 65 -30.40 30.53 5.78
CA MET A 65 -29.24 29.93 6.42
C MET A 65 -29.63 28.98 7.56
N THR A 66 -30.76 29.28 8.25
CA THR A 66 -31.18 28.40 9.35
C THR A 66 -31.83 27.12 8.86
N LYS A 67 -31.88 26.87 7.53
CA LYS A 67 -32.34 25.57 7.04
C LYS A 67 -31.27 24.49 7.48
N TYR A 68 -30.06 24.93 7.85
CA TYR A 68 -29.00 24.05 8.34
C TYR A 68 -28.45 24.58 9.66
N HIS A 69 -27.94 25.82 9.69
CA HIS A 69 -27.33 26.38 10.89
C HIS A 69 -28.30 26.69 12.02
N SER A 70 -27.80 26.71 13.26
CA SER A 70 -28.68 27.00 14.40
C SER A 70 -29.08 28.46 14.38
N ASP A 71 -30.26 28.76 14.96
CA ASP A 71 -30.74 30.13 15.03
C ASP A 71 -29.79 31.01 15.83
N GLU A 72 -29.24 30.50 16.94
CA GLU A 72 -28.31 31.27 17.75
C GLU A 72 -27.02 31.63 17.02
N TYR A 73 -26.50 30.69 16.23
CA TYR A 73 -25.27 30.92 15.50
C TYR A 73 -25.49 31.98 14.42
N ILE A 74 -26.56 31.86 13.64
CA ILE A 74 -26.85 32.84 12.59
C ILE A 74 -27.17 34.20 13.20
N LYS A 75 -27.88 34.23 14.36
CA LYS A 75 -28.16 35.52 15.03
C LYS A 75 -26.87 36.20 15.43
N PHE A 76 -25.89 35.42 15.93
CA PHE A 76 -24.58 35.92 16.30
C PHE A 76 -23.87 36.51 15.07
N LEU A 77 -23.86 35.76 13.95
CA LEU A 77 -23.16 36.25 12.74
C LEU A 77 -23.74 37.56 12.22
N ARG A 78 -25.06 37.71 12.33
CA ARG A 78 -25.79 38.89 11.88
C ARG A 78 -25.58 40.11 12.82
N SER A 79 -25.19 39.86 14.08
CA SER A 79 -24.99 40.89 15.10
C SER A 79 -23.57 41.37 15.36
N ILE A 80 -22.59 40.45 15.26
CA ILE A 80 -21.21 40.79 15.56
C ILE A 80 -20.56 41.69 14.53
N ARG A 81 -19.78 42.67 15.01
CA ARG A 81 -19.04 43.65 14.21
C ARG A 81 -17.73 43.96 14.93
N PRO A 82 -16.71 44.45 14.23
CA PRO A 82 -15.44 44.79 14.90
C PRO A 82 -15.63 45.81 16.05
N ASP A 83 -16.63 46.70 15.97
CA ASP A 83 -16.88 47.73 16.99
C ASP A 83 -17.60 47.25 18.24
N ASN A 84 -18.26 46.10 18.17
CA ASN A 84 -18.99 45.57 19.33
C ASN A 84 -18.47 44.21 19.81
N MET A 85 -17.35 43.71 19.23
CA MET A 85 -16.70 42.43 19.54
C MET A 85 -16.49 42.22 21.03
N SER A 86 -16.11 43.31 21.75
CA SER A 86 -15.83 43.25 23.18
C SER A 86 -16.98 42.69 24.01
N GLU A 87 -18.22 42.94 23.57
CA GLU A 87 -19.41 42.45 24.26
C GLU A 87 -19.81 41.01 23.87
N TYR A 88 -19.05 40.36 22.97
CA TYR A 88 -19.38 39.02 22.51
C TYR A 88 -18.27 37.99 22.74
N SER A 89 -17.33 38.27 23.66
CA SER A 89 -16.24 37.34 23.94
C SER A 89 -16.68 35.89 24.21
N LYS A 90 -17.78 35.72 24.94
CA LYS A 90 -18.33 34.39 25.26
C LYS A 90 -18.81 33.66 24.00
N GLN A 91 -19.67 34.33 23.19
CA GLN A 91 -20.19 33.72 21.97
C GLN A 91 -19.08 33.49 20.95
N MET A 92 -18.07 34.37 20.89
CA MET A 92 -16.96 34.19 19.94
C MET A 92 -16.22 32.88 20.21
N GLN A 93 -16.01 32.54 21.49
CA GLN A 93 -15.33 31.29 21.83
C GLN A 93 -16.21 30.10 21.48
N ARG A 94 -17.49 30.20 21.81
CA ARG A 94 -18.47 29.14 21.56
C ARG A 94 -18.59 28.83 20.07
N PHE A 95 -18.56 29.87 19.24
CA PHE A 95 -18.73 29.72 17.79
C PHE A 95 -17.41 29.67 16.99
N ASN A 96 -16.26 29.62 17.68
CA ASN A 96 -14.95 29.55 17.05
C ASN A 96 -14.60 30.73 16.15
N VAL A 97 -15.02 31.93 16.55
CA VAL A 97 -14.67 33.13 15.83
C VAL A 97 -13.40 33.63 16.52
N GLY A 98 -12.32 33.68 15.77
CA GLY A 98 -11.00 34.06 16.26
C GLY A 98 -10.01 34.25 15.13
N GLU A 99 -8.78 33.74 15.26
CA GLU A 99 -7.75 33.93 14.24
C GLU A 99 -8.10 33.41 12.85
N ASP A 100 -8.50 32.12 12.72
CA ASP A 100 -8.84 31.58 11.40
C ASP A 100 -10.10 32.21 10.85
N CYS A 101 -11.10 32.44 11.74
CA CYS A 101 -12.40 32.97 11.33
C CYS A 101 -12.63 34.29 12.04
N PRO A 102 -11.96 35.35 11.59
CA PRO A 102 -12.09 36.62 12.29
C PRO A 102 -13.37 37.38 12.03
N VAL A 103 -13.60 38.38 12.89
CA VAL A 103 -14.71 39.29 12.74
C VAL A 103 -14.15 40.38 11.83
N PHE A 104 -14.83 40.65 10.72
CA PHE A 104 -14.39 41.70 9.81
C PHE A 104 -15.60 42.50 9.36
N ASP A 105 -15.38 43.73 8.91
CA ASP A 105 -16.48 44.59 8.44
C ASP A 105 -17.25 43.90 7.30
N GLY A 106 -18.56 43.79 7.42
CA GLY A 106 -19.37 43.19 6.38
C GLY A 106 -19.34 41.67 6.34
N LEU A 107 -18.87 41.03 7.41
CA LEU A 107 -18.81 39.57 7.52
C LEU A 107 -20.16 38.90 7.13
N PHE A 108 -21.27 39.38 7.71
CA PHE A 108 -22.56 38.78 7.41
C PHE A 108 -22.93 38.94 5.95
N GLU A 109 -22.68 40.13 5.38
CA GLU A 109 -22.99 40.36 3.95
C GLU A 109 -22.16 39.44 3.06
N PHE A 110 -20.89 39.21 3.43
CA PHE A 110 -20.02 38.29 2.69
C PHE A 110 -20.66 36.88 2.71
N CYS A 111 -21.13 36.44 3.90
CA CYS A 111 -21.78 35.13 4.00
C CYS A 111 -23.05 35.09 3.15
N GLN A 112 -23.85 36.18 3.18
CA GLN A 112 -25.08 36.26 2.39
C GLN A 112 -24.83 36.14 0.89
N LEU A 113 -23.75 36.75 0.38
CA LEU A 113 -23.42 36.72 -1.06
C LEU A 113 -22.86 35.38 -1.45
N SER A 114 -21.97 34.82 -0.62
CA SER A 114 -21.40 33.49 -0.89
C SER A 114 -22.53 32.43 -0.95
N THR A 115 -23.45 32.49 0.03
CA THR A 115 -24.56 31.56 0.15
C THR A 115 -25.59 31.78 -0.93
N GLY A 116 -25.92 33.04 -1.19
CA GLY A 116 -26.91 33.38 -2.20
C GLY A 116 -26.57 32.81 -3.57
N GLY A 117 -25.28 32.85 -3.93
CA GLY A 117 -24.87 32.32 -5.24
C GLY A 117 -25.10 30.82 -5.32
N SER A 118 -24.74 30.12 -4.22
CA SER A 118 -24.87 28.66 -4.21
C SER A 118 -26.32 28.19 -4.23
N VAL A 119 -27.16 28.81 -3.39
N VAL A 119 -27.17 28.80 -3.38
CA VAL A 119 -28.57 28.45 -3.32
CA VAL A 119 -28.58 28.39 -3.35
C VAL A 119 -29.27 28.84 -4.62
C VAL A 119 -29.30 28.84 -4.62
N ALA A 120 -28.98 30.03 -5.16
CA ALA A 120 -29.61 30.48 -6.42
C ALA A 120 -29.25 29.51 -7.57
N GLY A 121 -28.00 29.04 -7.59
CA GLY A 121 -27.55 28.08 -8.60
C GLY A 121 -28.30 26.77 -8.48
N ALA A 122 -28.50 26.31 -7.22
CA ALA A 122 -29.23 25.07 -6.97
C ALA A 122 -30.71 25.22 -7.43
N VAL A 123 -31.35 26.37 -7.13
CA VAL A 123 -32.74 26.62 -7.58
C VAL A 123 -32.82 26.57 -9.11
N LYS A 124 -31.86 27.20 -9.80
CA LYS A 124 -31.81 27.25 -11.27
C LYS A 124 -31.70 25.82 -11.84
N LEU A 125 -30.85 24.97 -11.23
CA LEU A 125 -30.71 23.59 -11.64
C LEU A 125 -32.01 22.81 -11.38
N ASN A 126 -32.65 23.00 -10.22
CA ASN A 126 -33.91 22.32 -9.86
C ASN A 126 -35.02 22.65 -10.87
N ARG A 127 -35.05 23.90 -11.32
CA ARG A 127 -36.05 24.32 -12.32
C ARG A 127 -35.72 23.88 -13.74
N GLN A 128 -34.59 23.17 -13.96
CA GLN A 128 -34.13 22.70 -15.25
C GLN A 128 -33.90 23.85 -16.22
N GLN A 129 -33.47 25.01 -15.68
CA GLN A 129 -33.21 26.19 -16.50
C GLN A 129 -31.74 26.34 -16.88
N THR A 130 -30.87 25.44 -16.40
CA THR A 130 -29.46 25.45 -16.74
C THR A 130 -28.90 24.03 -16.54
N ASP A 131 -27.83 23.75 -17.25
CA ASP A 131 -27.15 22.47 -17.13
C ASP A 131 -26.06 22.59 -16.03
N MET A 132 -25.39 23.76 -15.97
CA MET A 132 -24.36 24.01 -14.99
CA MET A 132 -24.37 24.00 -14.99
C MET A 132 -24.56 25.38 -14.34
N ALA A 133 -24.26 25.48 -13.06
CA ALA A 133 -24.36 26.75 -12.34
C ALA A 133 -22.99 26.91 -11.65
N VAL A 134 -22.39 28.11 -11.71
CA VAL A 134 -21.04 28.35 -11.18
C VAL A 134 -21.10 29.46 -10.14
N ASN A 135 -20.51 29.22 -8.94
CA ASN A 135 -20.46 30.25 -7.93
C ASN A 135 -19.05 30.18 -7.32
N TRP A 136 -18.11 30.98 -7.86
CA TRP A 136 -16.73 30.92 -7.35
C TRP A 136 -16.61 31.45 -5.93
N ALA A 137 -17.59 32.25 -5.46
CA ALA A 137 -17.57 32.77 -4.09
C ALA A 137 -18.03 31.71 -3.05
N GLY A 138 -18.52 30.55 -3.50
CA GLY A 138 -19.00 29.53 -2.57
C GLY A 138 -17.95 28.44 -2.34
N GLY A 139 -18.39 27.30 -1.85
CA GLY A 139 -17.50 26.18 -1.56
C GLY A 139 -16.85 26.24 -0.18
N LEU A 140 -17.48 26.94 0.79
CA LEU A 140 -16.92 27.13 2.13
C LEU A 140 -17.27 25.92 3.02
N HIS A 141 -16.62 24.82 2.68
CA HIS A 141 -16.92 23.49 3.19
C HIS A 141 -16.66 23.17 4.65
N HIS A 142 -15.98 24.02 5.43
CA HIS A 142 -15.70 23.66 6.83
C HIS A 142 -16.74 24.12 7.83
N ALA A 143 -17.60 25.07 7.45
CA ALA A 143 -18.58 25.59 8.41
C ALA A 143 -19.50 24.53 8.93
N LYS A 144 -19.72 24.54 10.26
CA LYS A 144 -20.54 23.56 10.95
C LYS A 144 -21.89 24.16 11.34
N LYS A 145 -22.82 23.33 11.81
CA LYS A 145 -24.15 23.80 12.21
C LYS A 145 -24.11 25.02 13.16
N SER A 146 -23.27 24.98 14.21
CA SER A 146 -23.19 26.10 15.15
C SER A 146 -21.76 26.52 15.40
N GLU A 147 -20.93 26.48 14.36
CA GLU A 147 -19.54 26.85 14.51
C GLU A 147 -18.88 27.24 13.20
N ALA A 148 -18.09 28.31 13.24
CA ALA A 148 -17.27 28.72 12.09
C ALA A 148 -16.03 27.81 12.16
N SER A 149 -15.39 27.61 11.01
CA SER A 149 -14.18 26.79 10.97
C SER A 149 -13.44 27.04 9.67
N GLY A 150 -12.12 27.08 9.75
CA GLY A 150 -11.24 27.18 8.60
C GLY A 150 -11.63 28.18 7.52
N PHE A 151 -11.81 29.41 7.97
CA PHE A 151 -12.14 30.57 7.15
C PHE A 151 -13.57 30.58 6.63
N CYS A 152 -14.39 29.60 7.05
CA CYS A 152 -15.79 29.41 6.64
C CYS A 152 -16.72 29.72 7.79
N TYR A 153 -17.81 30.46 7.52
CA TYR A 153 -18.78 30.81 8.55
C TYR A 153 -20.13 30.19 8.27
N VAL A 154 -20.60 30.26 7.00
CA VAL A 154 -21.87 29.65 6.63
C VAL A 154 -21.58 28.62 5.55
N ASN A 155 -22.07 27.40 5.74
CA ASN A 155 -21.84 26.34 4.79
C ASN A 155 -22.80 26.44 3.60
N ASP A 156 -22.41 27.24 2.61
CA ASP A 156 -23.23 27.43 1.40
C ASP A 156 -23.45 26.10 0.67
N ILE A 157 -22.47 25.18 0.75
CA ILE A 157 -22.58 23.88 0.08
C ILE A 157 -23.71 23.07 0.67
N VAL A 158 -23.76 22.95 2.02
CA VAL A 158 -24.83 22.18 2.66
C VAL A 158 -26.20 22.79 2.31
N LEU A 159 -26.30 24.13 2.36
CA LEU A 159 -27.56 24.80 2.01
C LEU A 159 -27.96 24.54 0.55
N ALA A 160 -27.00 24.56 -0.38
CA ALA A 160 -27.27 24.29 -1.80
C ALA A 160 -27.72 22.83 -1.98
N ILE A 161 -27.08 21.91 -1.22
CA ILE A 161 -27.43 20.49 -1.33
C ILE A 161 -28.83 20.27 -0.82
N LEU A 162 -29.20 20.89 0.32
CA LEU A 162 -30.55 20.78 0.87
C LEU A 162 -31.59 21.27 -0.18
N GLU A 163 -31.23 22.32 -0.92
CA GLU A 163 -32.09 22.82 -1.98
C GLU A 163 -32.23 21.77 -3.10
N LEU A 164 -31.12 21.18 -3.56
CA LEU A 164 -31.14 20.16 -4.59
C LEU A 164 -31.95 18.94 -4.12
N LEU A 165 -31.88 18.60 -2.82
CA LEU A 165 -32.63 17.45 -2.27
C LEU A 165 -34.17 17.62 -2.38
N LYS A 166 -34.65 18.83 -2.68
CA LYS A 166 -36.09 19.04 -2.86
C LYS A 166 -36.59 18.34 -4.15
N TYR A 167 -35.72 18.19 -5.16
CA TYR A 167 -36.08 17.58 -6.44
C TYR A 167 -35.20 16.39 -6.84
N HIS A 168 -34.13 16.10 -6.09
CA HIS A 168 -33.22 15.02 -6.43
C HIS A 168 -33.12 14.04 -5.29
N GLN A 169 -33.39 12.75 -5.55
CA GLN A 169 -33.34 11.74 -4.50
C GLN A 169 -31.92 11.54 -3.99
N ARG A 170 -30.96 11.51 -4.91
CA ARG A 170 -29.55 11.31 -4.57
C ARG A 170 -28.68 12.42 -5.17
N VAL A 171 -27.83 13.03 -4.34
CA VAL A 171 -26.95 14.08 -4.78
C VAL A 171 -25.51 13.66 -4.49
N LEU A 172 -24.61 13.82 -5.45
CA LEU A 172 -23.21 13.46 -5.25
C LEU A 172 -22.42 14.74 -5.03
N TYR A 173 -21.65 14.78 -3.96
CA TYR A 173 -20.78 15.91 -3.64
C TYR A 173 -19.34 15.45 -3.85
N ILE A 174 -18.53 16.20 -4.63
CA ILE A 174 -17.11 15.87 -4.89
C ILE A 174 -16.27 17.07 -4.49
N ASP A 175 -15.23 16.84 -3.70
CA ASP A 175 -14.43 17.96 -3.17
C ASP A 175 -12.96 17.76 -3.52
N ILE A 176 -12.41 18.65 -4.36
CA ILE A 176 -11.00 18.56 -4.76
C ILE A 176 -10.12 19.64 -4.11
N ASP A 177 -10.63 20.34 -3.09
CA ASP A 177 -9.85 21.27 -2.26
C ASP A 177 -8.74 20.39 -1.58
N ILE A 178 -7.58 20.96 -1.24
CA ILE A 178 -6.55 20.16 -0.56
C ILE A 178 -6.98 19.75 0.86
N HIS A 179 -7.90 20.49 1.47
CA HIS A 179 -8.38 20.22 2.81
C HIS A 179 -9.59 19.33 2.75
N HIS A 180 -9.72 18.43 3.75
CA HIS A 180 -10.88 17.55 3.81
C HIS A 180 -12.19 18.37 3.93
N GLY A 181 -13.22 17.97 3.19
CA GLY A 181 -14.53 18.63 3.23
C GLY A 181 -15.34 18.17 4.42
N ASP A 182 -14.88 18.48 5.64
CA ASP A 182 -15.49 17.99 6.86
C ASP A 182 -16.88 18.49 7.18
N GLY A 183 -17.17 19.77 6.97
CA GLY A 183 -18.51 20.28 7.29
C GLY A 183 -19.59 19.64 6.47
N VAL A 184 -19.33 19.44 5.17
CA VAL A 184 -20.28 18.80 4.27
C VAL A 184 -20.42 17.32 4.62
N GLU A 185 -19.26 16.63 4.85
CA GLU A 185 -19.33 15.22 5.22
C GLU A 185 -20.13 15.03 6.53
N GLU A 186 -19.86 15.85 7.55
CA GLU A 186 -20.54 15.77 8.83
C GLU A 186 -22.04 16.01 8.67
N ALA A 187 -22.44 17.03 7.87
CA ALA A 187 -23.88 17.32 7.72
C ALA A 187 -24.71 16.15 7.20
N PHE A 188 -24.12 15.34 6.30
CA PHE A 188 -24.83 14.24 5.66
C PHE A 188 -24.30 12.83 6.03
N TYR A 189 -23.50 12.76 7.09
CA TYR A 189 -22.85 11.52 7.53
C TYR A 189 -23.80 10.36 7.75
N THR A 190 -25.03 10.61 8.25
CA THR A 190 -25.94 9.48 8.53
C THR A 190 -27.05 9.30 7.49
N THR A 191 -26.91 9.93 6.30
CA THR A 191 -27.93 9.75 5.27
C THR A 191 -27.33 9.18 3.98
N ASP A 192 -28.15 8.43 3.23
CA ASP A 192 -27.77 7.89 1.93
C ASP A 192 -28.22 8.78 0.75
N ARG A 193 -28.92 9.90 1.03
CA ARG A 193 -29.38 10.81 -0.02
C ARG A 193 -28.26 11.72 -0.55
N VAL A 194 -27.11 11.75 0.13
CA VAL A 194 -25.97 12.50 -0.33
C VAL A 194 -24.75 11.60 -0.18
N MET A 195 -23.94 11.46 -1.23
CA MET A 195 -22.69 10.71 -1.11
C MET A 195 -21.61 11.80 -1.15
N THR A 196 -20.69 11.81 -0.16
CA THR A 196 -19.65 12.82 -0.16
C THR A 196 -18.32 12.17 -0.51
N VAL A 197 -17.59 12.73 -1.46
CA VAL A 197 -16.30 12.17 -1.89
C VAL A 197 -15.25 13.26 -1.79
N SER A 198 -14.25 13.07 -0.93
CA SER A 198 -13.23 14.08 -0.73
C SER A 198 -11.84 13.53 -0.99
N PHE A 199 -11.05 14.26 -1.77
CA PHE A 199 -9.66 13.90 -2.10
C PHE A 199 -8.89 14.99 -1.38
N HIS A 200 -8.00 14.62 -0.42
CA HIS A 200 -7.33 15.68 0.34
C HIS A 200 -6.02 15.23 0.95
N LYS A 201 -5.19 16.20 1.34
CA LYS A 201 -3.95 15.89 2.08
C LYS A 201 -4.40 15.42 3.48
N TYR A 202 -3.82 14.31 3.96
CA TYR A 202 -4.17 13.77 5.26
C TYR A 202 -2.89 13.43 5.99
N GLY A 203 -2.76 13.94 7.21
CA GLY A 203 -1.58 13.73 8.06
C GLY A 203 -0.92 15.04 8.44
N GLU A 204 -1.01 15.42 9.73
CA GLU A 204 -0.45 16.69 10.28
C GLU A 204 -0.95 17.86 9.43
N TYR A 205 -2.26 17.87 9.19
CA TYR A 205 -2.84 18.88 8.31
C TYR A 205 -4.28 19.14 8.67
N PHE A 206 -4.68 20.40 8.62
CA PHE A 206 -6.05 20.79 8.92
C PHE A 206 -7.04 20.16 7.93
N PRO A 207 -8.24 19.77 8.39
CA PRO A 207 -8.74 19.80 9.77
C PRO A 207 -8.47 18.55 10.61
N GLY A 208 -7.67 17.62 10.11
CA GLY A 208 -7.35 16.40 10.88
C GLY A 208 -8.28 15.22 10.66
N THR A 209 -9.35 15.41 9.91
CA THR A 209 -10.35 14.40 9.59
C THR A 209 -10.18 13.88 8.14
N GLY A 210 -11.02 12.92 7.71
CA GLY A 210 -10.94 12.40 6.36
C GLY A 210 -10.04 11.20 6.26
N ASP A 211 -10.03 10.36 7.30
CA ASP A 211 -9.25 9.11 7.22
C ASP A 211 -9.98 8.19 6.23
N LEU A 212 -9.22 7.31 5.57
CA LEU A 212 -9.70 6.28 4.66
C LEU A 212 -10.86 5.46 5.32
N ARG A 213 -10.76 5.26 6.64
CA ARG A 213 -11.71 4.47 7.43
C ARG A 213 -12.98 5.21 7.84
N ASP A 214 -13.09 6.50 7.51
CA ASP A 214 -14.31 7.26 7.81
C ASP A 214 -15.20 7.07 6.58
N ILE A 215 -16.21 6.20 6.71
CA ILE A 215 -17.05 5.84 5.60
C ILE A 215 -18.54 6.11 5.81
N GLY A 216 -18.91 6.83 6.86
CA GLY A 216 -20.31 7.10 7.14
C GLY A 216 -20.83 6.27 8.32
N ALA A 217 -22.05 6.55 8.74
CA ALA A 217 -22.65 5.82 9.87
C ALA A 217 -24.16 5.64 9.67
N GLY A 218 -24.73 4.59 10.27
CA GLY A 218 -26.16 4.28 10.13
C GLY A 218 -26.57 4.10 8.68
N LYS A 219 -27.65 4.78 8.24
CA LYS A 219 -28.08 4.71 6.84
C LYS A 219 -27.01 5.29 5.85
N GLY A 220 -26.11 6.12 6.38
CA GLY A 220 -25.04 6.73 5.61
C GLY A 220 -23.79 5.87 5.50
N LYS A 221 -23.79 4.64 6.08
CA LYS A 221 -22.59 3.79 5.98
C LYS A 221 -22.32 3.43 4.52
N TYR A 222 -21.10 3.70 4.06
CA TYR A 222 -20.59 3.54 2.69
C TYR A 222 -20.91 4.76 1.78
N TYR A 223 -21.58 5.80 2.34
CA TYR A 223 -21.92 6.98 1.56
C TYR A 223 -20.99 8.17 1.81
N ALA A 224 -19.87 7.95 2.52
CA ALA A 224 -18.85 8.98 2.70
C ALA A 224 -17.58 8.27 2.19
N VAL A 225 -16.85 8.90 1.28
CA VAL A 225 -15.66 8.36 0.65
C VAL A 225 -14.52 9.36 0.87
N ASN A 226 -13.38 8.90 1.39
CA ASN A 226 -12.24 9.78 1.65
C ASN A 226 -11.00 9.16 1.04
N PHE A 227 -10.28 9.95 0.23
CA PHE A 227 -9.03 9.53 -0.40
C PHE A 227 -7.91 10.37 0.23
N PRO A 228 -7.24 9.81 1.25
CA PRO A 228 -6.15 10.55 1.92
C PRO A 228 -4.86 10.52 1.10
N MET A 229 -4.25 11.68 0.92
CA MET A 229 -3.04 11.83 0.11
C MET A 229 -1.91 12.48 0.90
N ARG A 230 -0.69 12.29 0.42
CA ARG A 230 0.49 12.88 1.02
C ARG A 230 0.93 14.06 0.13
N ASP A 231 1.97 14.77 0.55
CA ASP A 231 2.49 15.89 -0.23
C ASP A 231 2.94 15.53 -1.64
N GLY A 232 2.88 16.54 -2.51
CA GLY A 232 3.41 16.44 -3.85
C GLY A 232 2.68 15.70 -4.94
N ILE A 233 1.38 15.40 -4.76
CA ILE A 233 0.62 14.73 -5.82
C ILE A 233 0.64 15.55 -7.11
N ASP A 234 0.85 14.91 -8.24
CA ASP A 234 0.94 15.58 -9.53
C ASP A 234 -0.24 15.22 -10.46
N ASP A 235 -0.33 15.84 -11.65
CA ASP A 235 -1.44 15.61 -12.58
C ASP A 235 -1.61 14.15 -12.96
N GLU A 236 -0.50 13.48 -13.25
CA GLU A 236 -0.50 12.08 -13.68
C GLU A 236 -1.12 11.20 -12.61
N SER A 237 -0.64 11.30 -11.37
CA SER A 237 -1.11 10.52 -10.22
C SER A 237 -2.57 10.84 -9.87
N TYR A 238 -2.91 12.14 -9.84
CA TYR A 238 -4.28 12.54 -9.50
C TYR A 238 -5.27 12.02 -10.57
N GLY A 239 -4.92 12.21 -11.84
CA GLY A 239 -5.74 11.82 -12.97
C GLY A 239 -6.06 10.34 -13.02
N GLN A 240 -5.08 9.50 -12.63
CA GLN A 240 -5.15 8.03 -12.60
C GLN A 240 -6.11 7.47 -11.55
N ILE A 241 -6.44 8.24 -10.50
CA ILE A 241 -7.38 7.76 -9.52
C ILE A 241 -8.71 8.49 -9.58
N PHE A 242 -8.71 9.76 -10.03
CA PHE A 242 -9.96 10.52 -10.02
C PHE A 242 -11.03 9.94 -10.93
N LYS A 243 -10.71 9.77 -12.23
CA LYS A 243 -11.70 9.22 -13.17
C LYS A 243 -12.17 7.81 -12.75
N PRO A 244 -11.29 6.85 -12.41
CA PRO A 244 -11.79 5.53 -12.00
C PRO A 244 -12.69 5.59 -10.75
N ILE A 245 -12.34 6.43 -9.75
CA ILE A 245 -13.19 6.53 -8.55
C ILE A 245 -14.54 7.15 -8.87
N ILE A 246 -14.53 8.30 -9.56
CA ILE A 246 -15.78 8.97 -9.91
C ILE A 246 -16.63 8.09 -10.82
N SER A 247 -16.02 7.37 -11.76
CA SER A 247 -16.79 6.46 -12.64
C SER A 247 -17.50 5.36 -11.81
N LYS A 248 -16.79 4.77 -10.81
CA LYS A 248 -17.38 3.72 -9.98
C LYS A 248 -18.47 4.27 -9.08
N VAL A 249 -18.26 5.49 -8.52
CA VAL A 249 -19.26 6.14 -7.70
C VAL A 249 -20.50 6.44 -8.58
N MET A 250 -20.32 6.94 -9.81
CA MET A 250 -21.45 7.23 -10.70
C MET A 250 -22.24 5.93 -10.97
N GLU A 251 -21.50 4.86 -11.27
CA GLU A 251 -22.10 3.56 -11.58
C GLU A 251 -22.92 3.00 -10.41
N MET A 252 -22.35 2.98 -9.21
CA MET A 252 -23.02 2.42 -8.04
C MET A 252 -24.11 3.32 -7.44
N TYR A 253 -23.82 4.61 -7.32
CA TYR A 253 -24.72 5.54 -6.65
C TYR A 253 -25.81 6.14 -7.54
N GLN A 254 -25.53 6.32 -8.84
CA GLN A 254 -26.49 6.88 -9.80
C GLN A 254 -27.13 8.19 -9.30
N PRO A 255 -26.32 9.21 -8.99
CA PRO A 255 -26.89 10.46 -8.50
C PRO A 255 -27.65 11.19 -9.61
N SER A 256 -28.63 12.05 -9.26
CA SER A 256 -29.31 12.82 -10.29
C SER A 256 -28.80 14.27 -10.39
N ALA A 257 -27.92 14.69 -9.45
CA ALA A 257 -27.32 16.02 -9.45
C ALA A 257 -25.95 15.90 -8.78
N VAL A 258 -25.04 16.79 -9.15
CA VAL A 258 -23.68 16.79 -8.62
C VAL A 258 -23.28 18.19 -8.20
N VAL A 259 -22.51 18.25 -7.11
CA VAL A 259 -21.96 19.52 -6.61
C VAL A 259 -20.47 19.26 -6.58
N LEU A 260 -19.68 20.11 -7.22
CA LEU A 260 -18.24 19.93 -7.26
C LEU A 260 -17.55 21.15 -6.65
N GLN A 261 -16.87 20.93 -5.53
CA GLN A 261 -16.11 21.97 -4.83
C GLN A 261 -14.71 21.97 -5.48
N CYS A 262 -14.35 23.11 -6.13
CA CYS A 262 -13.13 23.25 -6.92
C CYS A 262 -12.04 24.03 -6.25
N GLY A 263 -11.84 23.81 -4.95
CA GLY A 263 -10.81 24.49 -4.19
C GLY A 263 -9.47 24.42 -4.90
N ALA A 264 -8.89 25.60 -5.18
CA ALA A 264 -7.66 25.74 -5.96
C ALA A 264 -6.38 25.66 -5.13
N ASP A 265 -6.48 25.35 -3.84
CA ASP A 265 -5.29 25.20 -2.99
C ASP A 265 -4.58 23.84 -3.21
N SER A 266 -5.15 22.98 -4.06
CA SER A 266 -4.51 21.74 -4.49
C SER A 266 -3.54 22.02 -5.67
N LEU A 267 -3.38 23.30 -6.13
CA LEU A 267 -2.46 23.61 -7.21
C LEU A 267 -1.04 23.76 -6.66
N SER A 268 -0.06 23.50 -7.54
CA SER A 268 1.36 23.71 -7.27
C SER A 268 1.58 25.20 -6.90
N GLY A 269 2.44 25.45 -5.91
CA GLY A 269 2.77 26.80 -5.50
C GLY A 269 1.76 27.49 -4.59
N ASP A 270 0.73 26.75 -4.12
CA ASP A 270 -0.25 27.37 -3.22
C ASP A 270 0.43 27.76 -1.90
N ARG A 271 0.07 28.93 -1.34
CA ARG A 271 0.65 29.40 -0.08
C ARG A 271 0.42 28.44 1.11
N LEU A 272 -0.74 27.76 1.16
CA LEU A 272 -1.05 26.85 2.26
CA LEU A 272 -1.09 26.84 2.25
C LEU A 272 -0.99 25.37 1.86
N GLY A 273 -1.16 25.08 0.59
CA GLY A 273 -1.16 23.69 0.12
C GLY A 273 0.21 23.16 -0.24
N CYS A 274 0.32 21.83 -0.23
CA CYS A 274 1.58 21.19 -0.58
C CYS A 274 1.39 20.11 -1.66
N PHE A 275 0.44 20.32 -2.59
CA PHE A 275 0.22 19.45 -3.75
C PHE A 275 0.95 20.08 -4.95
N ASN A 276 0.99 19.37 -6.08
CA ASN A 276 1.71 19.83 -7.25
C ASN A 276 0.91 19.74 -8.55
N LEU A 277 -0.41 20.02 -8.49
CA LEU A 277 -1.22 19.99 -9.69
C LEU A 277 -1.02 21.24 -10.51
N THR A 278 -1.22 21.12 -11.81
CA THR A 278 -1.24 22.29 -12.69
C THR A 278 -2.74 22.67 -12.86
N VAL A 279 -3.03 23.80 -13.52
CA VAL A 279 -4.42 24.19 -13.80
C VAL A 279 -5.08 23.11 -14.70
N LYS A 280 -4.34 22.55 -15.67
CA LYS A 280 -4.88 21.49 -16.52
C LYS A 280 -5.24 20.23 -15.72
N GLY A 281 -4.39 19.84 -14.79
CA GLY A 281 -4.63 18.67 -13.95
C GLY A 281 -5.84 18.86 -13.06
N HIS A 282 -5.99 20.08 -12.50
CA HIS A 282 -7.11 20.40 -11.63
C HIS A 282 -8.39 20.40 -12.50
N ALA A 283 -8.33 21.07 -13.66
CA ALA A 283 -9.48 21.17 -14.57
C ALA A 283 -9.90 19.85 -15.18
N LYS A 284 -9.00 18.87 -15.23
CA LYS A 284 -9.36 17.52 -15.73
C LYS A 284 -10.50 16.95 -14.83
N CYS A 285 -10.54 17.33 -13.53
CA CYS A 285 -11.62 16.88 -12.66
C CYS A 285 -12.95 17.41 -13.12
N VAL A 286 -12.99 18.68 -13.54
CA VAL A 286 -14.22 19.28 -14.05
C VAL A 286 -14.63 18.56 -15.34
N GLU A 287 -13.66 18.30 -16.24
CA GLU A 287 -13.95 17.61 -17.51
C GLU A 287 -14.54 16.21 -17.21
N VAL A 288 -13.96 15.51 -16.24
CA VAL A 288 -14.44 14.17 -15.88
C VAL A 288 -15.89 14.20 -15.41
N VAL A 289 -16.20 15.11 -14.47
CA VAL A 289 -17.56 15.21 -13.94
C VAL A 289 -18.55 15.65 -15.00
N LYS A 290 -18.17 16.64 -15.81
CA LYS A 290 -19.03 17.17 -16.86
C LYS A 290 -19.44 16.10 -17.89
N THR A 291 -18.56 15.14 -18.13
CA THR A 291 -18.79 14.07 -19.09
C THR A 291 -20.05 13.23 -18.73
N PHE A 292 -20.43 13.13 -17.43
CA PHE A 292 -21.61 12.34 -16.99
C PHE A 292 -22.95 13.00 -17.33
N ASN A 293 -22.93 14.24 -17.86
CA ASN A 293 -24.15 14.94 -18.29
C ASN A 293 -25.23 15.06 -17.23
N LEU A 294 -24.85 15.35 -15.98
CA LEU A 294 -25.84 15.53 -14.91
C LEU A 294 -25.89 16.99 -14.52
N PRO A 295 -27.01 17.47 -13.95
CA PRO A 295 -27.08 18.86 -13.43
C PRO A 295 -25.89 19.07 -12.48
N LEU A 296 -25.08 20.12 -12.71
CA LEU A 296 -23.85 20.31 -11.94
C LEU A 296 -23.69 21.72 -11.37
N LEU A 297 -23.43 21.80 -10.06
CA LEU A 297 -23.19 23.08 -9.39
C LEU A 297 -21.69 23.08 -9.12
N MET A 298 -20.95 24.03 -9.71
CA MET A 298 -19.50 24.15 -9.53
C MET A 298 -19.25 25.29 -8.57
N LEU A 299 -18.47 25.01 -7.51
CA LEU A 299 -18.19 25.99 -6.47
C LEU A 299 -16.71 26.24 -6.27
N GLY A 300 -16.38 27.37 -5.63
CA GLY A 300 -15.00 27.70 -5.33
C GLY A 300 -14.55 26.98 -4.07
N GLY A 301 -13.73 27.64 -3.27
CA GLY A 301 -13.20 27.05 -2.06
C GLY A 301 -11.87 27.68 -1.72
N GLY A 302 -10.90 26.87 -1.33
CA GLY A 302 -9.57 27.39 -1.00
C GLY A 302 -8.84 27.88 -2.24
N GLY A 303 -7.64 28.39 -2.02
CA GLY A 303 -6.80 28.92 -3.09
C GLY A 303 -6.19 30.19 -2.50
N TYR A 304 -4.88 30.13 -2.23
CA TYR A 304 -4.19 31.18 -1.49
C TYR A 304 -3.02 31.84 -2.20
N THR A 305 -2.72 31.45 -3.45
CA THR A 305 -1.75 32.14 -4.33
C THR A 305 -2.75 32.67 -5.38
N ILE A 306 -3.22 33.91 -5.15
CA ILE A 306 -4.36 34.40 -5.89
C ILE A 306 -4.20 34.51 -7.39
N ARG A 307 -2.99 34.74 -7.95
CA ARG A 307 -2.88 34.76 -9.42
C ARG A 307 -3.21 33.34 -9.99
N ASN A 308 -2.85 32.27 -9.24
CA ASN A 308 -3.13 30.92 -9.69
C ASN A 308 -4.59 30.53 -9.52
N VAL A 309 -5.26 31.08 -8.52
CA VAL A 309 -6.68 30.84 -8.30
C VAL A 309 -7.45 31.47 -9.49
N ALA A 310 -7.09 32.72 -9.87
CA ALA A 310 -7.76 33.36 -11.01
C ALA A 310 -7.55 32.56 -12.30
N ARG A 311 -6.33 32.07 -12.52
CA ARG A 311 -6.04 31.26 -13.71
C ARG A 311 -6.91 29.98 -13.71
N CYS A 312 -6.92 29.32 -12.55
CA CYS A 312 -7.62 28.04 -12.38
C CYS A 312 -9.11 28.14 -12.65
N TRP A 313 -9.77 29.08 -11.97
CA TRP A 313 -11.21 29.22 -12.10
C TRP A 313 -11.61 29.83 -13.43
N THR A 314 -10.75 30.65 -14.05
CA THR A 314 -11.05 31.15 -15.40
C THR A 314 -11.02 29.95 -16.38
N TYR A 315 -10.00 29.08 -16.25
CA TYR A 315 -9.88 27.92 -17.14
C TYR A 315 -11.03 26.94 -16.91
N GLU A 316 -11.43 26.76 -15.66
CA GLU A 316 -12.55 25.84 -15.34
C GLU A 316 -13.88 26.39 -15.82
N THR A 317 -14.03 27.72 -15.90
CA THR A 317 -15.25 28.30 -16.46
C THR A 317 -15.23 28.01 -17.98
N ALA A 318 -14.07 28.16 -18.64
CA ALA A 318 -13.94 27.88 -20.08
C ALA A 318 -14.26 26.39 -20.34
N VAL A 319 -13.81 25.50 -19.45
CA VAL A 319 -14.10 24.05 -19.55
C VAL A 319 -15.59 23.83 -19.50
N ALA A 320 -16.29 24.47 -18.52
CA ALA A 320 -17.75 24.35 -18.38
C ALA A 320 -18.45 24.76 -19.69
N LEU A 321 -17.95 25.80 -20.34
CA LEU A 321 -18.51 26.34 -21.58
C LEU A 321 -18.04 25.61 -22.84
N ASP A 322 -17.11 24.65 -22.72
CA ASP A 322 -16.54 23.96 -23.89
C ASP A 322 -15.88 24.99 -24.84
N CYS A 323 -15.26 26.02 -24.24
CA CYS A 323 -14.62 27.06 -25.00
CA CYS A 323 -14.61 27.10 -24.97
C CYS A 323 -13.11 26.99 -24.84
N GLU A 324 -12.40 27.01 -25.96
CA GLU A 324 -10.96 26.95 -25.93
C GLU A 324 -10.49 28.40 -25.77
N ILE A 325 -9.55 28.62 -24.86
CA ILE A 325 -9.01 29.97 -24.65
C ILE A 325 -7.49 29.91 -24.78
N PRO A 326 -6.89 30.97 -25.35
CA PRO A 326 -5.43 30.96 -25.53
C PRO A 326 -4.60 31.01 -24.24
N ASN A 327 -3.37 30.48 -24.30
CA ASN A 327 -2.48 30.51 -23.15
C ASN A 327 -1.99 31.94 -22.86
N GLU A 328 -1.90 32.78 -23.90
CA GLU A 328 -1.47 34.17 -23.69
C GLU A 328 -2.62 34.91 -22.97
N LEU A 329 -2.33 35.50 -21.80
CA LEU A 329 -3.38 36.17 -21.05
C LEU A 329 -3.77 37.46 -21.74
N PRO A 330 -5.07 37.76 -21.82
CA PRO A 330 -5.47 39.05 -22.38
C PRO A 330 -5.14 40.12 -21.34
N TYR A 331 -5.01 41.39 -21.79
CA TYR A 331 -4.79 42.49 -20.85
C TYR A 331 -6.02 42.56 -19.91
N ASN A 332 -5.81 42.87 -18.65
CA ASN A 332 -6.88 42.91 -17.67
C ASN A 332 -6.50 43.84 -16.52
N ASP A 333 -7.43 44.13 -15.61
CA ASP A 333 -7.21 45.07 -14.51
C ASP A 333 -6.11 44.66 -13.54
N TYR A 334 -5.75 43.37 -13.54
CA TYR A 334 -4.75 42.81 -12.62
C TYR A 334 -3.61 42.18 -13.39
N PHE A 335 -3.37 42.62 -14.65
CA PHE A 335 -2.34 42.07 -15.51
C PHE A 335 -0.99 41.85 -14.84
N GLU A 336 -0.51 42.86 -14.07
CA GLU A 336 0.76 42.79 -13.37
C GLU A 336 0.87 41.63 -12.35
N TYR A 337 -0.27 41.11 -11.85
CA TYR A 337 -0.22 40.00 -10.90
C TYR A 337 0.21 38.68 -11.58
N PHE A 338 0.13 38.61 -12.92
CA PHE A 338 0.40 37.39 -13.67
C PHE A 338 1.80 37.31 -14.26
N GLY A 339 2.67 38.25 -13.87
CA GLY A 339 4.04 38.19 -14.32
C GLY A 339 4.78 37.06 -13.62
N PRO A 340 6.00 36.74 -14.06
CA PRO A 340 6.73 37.36 -15.19
C PRO A 340 6.35 36.82 -16.56
N ASP A 341 5.54 35.77 -16.63
CA ASP A 341 5.16 35.09 -17.85
C ASP A 341 3.89 35.59 -18.56
N PHE A 342 2.89 36.02 -17.81
CA PHE A 342 1.61 36.49 -18.38
C PHE A 342 0.93 35.40 -19.21
N LYS A 343 1.04 34.14 -18.73
CA LYS A 343 0.40 32.98 -19.36
C LYS A 343 -0.67 32.44 -18.41
N LEU A 344 -1.66 31.73 -18.96
CA LEU A 344 -2.73 31.16 -18.17
C LEU A 344 -2.30 29.90 -17.45
N HIS A 345 -1.56 29.03 -18.16
CA HIS A 345 -1.16 27.75 -17.59
C HIS A 345 0.11 27.84 -16.76
N ILE A 346 0.20 26.97 -15.76
CA ILE A 346 1.32 26.96 -14.83
C ILE A 346 2.11 25.66 -14.95
N SER A 347 3.36 25.72 -14.52
CA SER A 347 4.26 24.58 -14.53
C SER A 347 4.30 23.96 -13.15
N PRO A 348 4.42 22.63 -13.05
CA PRO A 348 4.57 22.02 -11.73
C PRO A 348 6.00 22.26 -11.22
N SER A 349 6.19 22.18 -9.92
CA SER A 349 7.49 22.35 -9.29
C SER A 349 8.29 21.02 -9.31
N ASN A 350 9.52 21.03 -8.79
CA ASN A 350 10.33 19.81 -8.70
C ASN A 350 10.08 19.05 -7.39
N MET A 351 9.02 19.38 -6.63
CA MET A 351 8.76 18.70 -5.37
C MET A 351 8.53 17.20 -5.57
N THR A 352 9.00 16.42 -4.60
CA THR A 352 8.83 14.99 -4.67
C THR A 352 7.37 14.64 -4.44
N ASN A 353 6.88 13.69 -5.21
CA ASN A 353 5.54 13.17 -5.05
C ASN A 353 5.65 12.03 -4.06
N GLN A 354 5.23 12.26 -2.82
CA GLN A 354 5.27 11.23 -1.79
CA GLN A 354 5.27 11.23 -1.78
C GLN A 354 4.21 10.14 -1.97
N ASN A 355 3.27 10.34 -2.90
CA ASN A 355 2.22 9.37 -3.20
C ASN A 355 2.75 8.42 -4.26
N THR A 356 3.38 7.31 -3.83
CA THR A 356 3.91 6.36 -4.80
C THR A 356 2.76 5.76 -5.64
N PRO A 357 3.06 5.25 -6.83
CA PRO A 357 2.00 4.61 -7.64
C PRO A 357 1.35 3.45 -6.89
N GLU A 358 2.14 2.71 -6.05
CA GLU A 358 1.57 1.58 -5.30
C GLU A 358 0.62 2.06 -4.23
N TYR A 359 0.97 3.19 -3.58
CA TYR A 359 0.09 3.75 -2.55
C TYR A 359 -1.23 4.20 -3.21
N MET A 360 -1.13 4.88 -4.36
CA MET A 360 -2.35 5.34 -5.05
C MET A 360 -3.28 4.18 -5.42
N GLU A 361 -2.70 3.10 -5.94
CA GLU A 361 -3.49 1.93 -6.32
C GLU A 361 -4.07 1.24 -5.11
N LYS A 362 -3.32 1.17 -4.00
CA LYS A 362 -3.80 0.51 -2.80
C LYS A 362 -5.00 1.22 -2.20
N ILE A 363 -4.92 2.56 -2.10
CA ILE A 363 -6.03 3.34 -1.55
C ILE A 363 -7.24 3.21 -2.49
N LYS A 364 -7.01 3.29 -3.81
CA LYS A 364 -8.10 3.15 -4.79
C LYS A 364 -8.80 1.79 -4.62
N GLN A 365 -8.00 0.72 -4.43
CA GLN A 365 -8.58 -0.61 -4.24
C GLN A 365 -9.40 -0.70 -2.95
N ARG A 366 -8.94 -0.05 -1.86
CA ARG A 366 -9.70 -0.06 -0.60
C ARG A 366 -11.05 0.68 -0.82
N LEU A 367 -11.02 1.80 -1.56
CA LEU A 367 -12.26 2.54 -1.83
C LEU A 367 -13.20 1.71 -2.70
N PHE A 368 -12.66 0.98 -3.68
CA PHE A 368 -13.48 0.11 -4.53
C PHE A 368 -14.15 -0.97 -3.65
N GLU A 369 -13.46 -1.54 -2.63
CA GLU A 369 -14.08 -2.55 -1.74
CA GLU A 369 -14.08 -2.55 -1.76
C GLU A 369 -15.29 -1.95 -1.03
N ASN A 370 -15.18 -0.67 -0.59
CA ASN A 370 -16.28 -0.01 0.12
C ASN A 370 -17.43 0.27 -0.84
N LEU A 371 -17.13 0.66 -2.08
CA LEU A 371 -18.15 0.95 -3.07
C LEU A 371 -18.93 -0.33 -3.47
N ARG A 372 -18.29 -1.52 -3.35
CA ARG A 372 -18.97 -2.80 -3.62
C ARG A 372 -20.08 -3.05 -2.57
N MET A 373 -20.02 -2.38 -1.42
CA MET A 373 -21.02 -2.52 -0.37
C MET A 373 -22.29 -1.72 -0.58
N LEU A 374 -22.37 -0.90 -1.64
CA LEU A 374 -23.59 -0.13 -1.93
C LEU A 374 -24.69 -1.06 -2.49
N PRO A 375 -25.99 -0.71 -2.33
CA PRO A 375 -27.06 -1.57 -2.85
C PRO A 375 -27.23 -1.50 -4.36
N LYS B 11 1.15 -9.87 31.13
CA LYS B 11 1.24 -8.44 31.42
C LYS B 11 2.44 -7.81 30.67
N VAL B 12 2.17 -6.84 29.78
CA VAL B 12 3.22 -6.19 29.02
C VAL B 12 3.22 -4.67 29.21
N CYS B 13 4.37 -4.12 29.59
CA CYS B 13 4.50 -2.67 29.71
C CYS B 13 5.43 -2.20 28.61
N TYR B 14 5.15 -1.04 28.02
CA TYR B 14 5.88 -0.58 26.85
C TYR B 14 6.19 0.89 27.02
N TYR B 15 7.43 1.27 26.73
CA TYR B 15 7.90 2.63 26.89
C TYR B 15 8.08 3.35 25.60
N TYR B 16 7.56 4.58 25.52
CA TYR B 16 7.67 5.38 24.31
C TYR B 16 7.53 6.87 24.59
N ASP B 17 8.43 7.68 24.07
CA ASP B 17 8.29 9.13 24.21
C ASP B 17 8.08 9.65 22.79
N GLY B 18 7.03 10.43 22.57
CA GLY B 18 6.73 11.01 21.25
C GLY B 18 7.78 11.90 20.64
N ASP B 19 8.77 12.36 21.42
CA ASP B 19 9.82 13.21 20.85
C ASP B 19 10.92 12.33 20.21
N ILE B 20 10.97 11.01 20.54
CA ILE B 20 12.05 10.13 20.12
C ILE B 20 12.28 10.12 18.61
N GLY B 21 11.23 10.12 17.80
CA GLY B 21 11.37 10.08 16.36
C GLY B 21 11.93 11.33 15.73
N ASN B 22 11.99 12.44 16.49
CA ASN B 22 12.48 13.70 15.95
C ASN B 22 13.99 13.88 16.04
N TYR B 23 14.69 13.04 16.83
CA TYR B 23 16.14 13.13 16.93
C TYR B 23 16.73 12.67 15.62
N TYR B 24 17.70 13.42 15.13
CA TYR B 24 18.25 13.17 13.81
C TYR B 24 19.76 13.13 13.81
N TYR B 25 20.31 11.98 13.41
CA TYR B 25 21.76 11.78 13.37
C TYR B 25 22.44 12.54 12.23
N GLY B 26 21.69 13.06 11.27
CA GLY B 26 22.28 13.78 10.16
C GLY B 26 22.06 13.10 8.83
N GLN B 27 22.15 13.89 7.75
CA GLN B 27 21.93 13.41 6.39
C GLN B 27 22.82 12.22 6.04
N GLY B 28 22.20 11.14 5.60
CA GLY B 28 22.91 9.95 5.18
C GLY B 28 23.25 8.99 6.31
N HIS B 29 23.16 9.43 7.59
CA HIS B 29 23.51 8.53 8.69
C HIS B 29 22.47 7.40 8.75
N PRO B 30 22.92 6.13 8.81
CA PRO B 30 21.94 5.02 8.80
C PRO B 30 21.00 4.94 9.99
N MET B 31 21.40 5.45 11.17
CA MET B 31 20.54 5.34 12.35
C MET B 31 19.43 6.36 12.29
N LYS B 32 18.19 5.90 12.29
CA LYS B 32 17.03 6.76 12.14
C LYS B 32 15.99 6.56 13.23
N PRO B 33 16.04 7.38 14.29
CA PRO B 33 15.08 7.24 15.39
C PRO B 33 13.61 7.27 14.96
N HIS B 34 13.32 7.88 13.79
CA HIS B 34 11.96 7.90 13.21
C HIS B 34 11.39 6.46 13.09
N ARG B 35 12.26 5.42 12.94
CA ARG B 35 11.76 4.04 12.85
C ARG B 35 10.99 3.65 14.14
N ILE B 36 11.32 4.25 15.28
CA ILE B 36 10.65 3.96 16.54
C ILE B 36 9.21 4.51 16.50
N ARG B 37 9.06 5.70 15.95
CA ARG B 37 7.74 6.33 15.79
C ARG B 37 6.91 5.52 14.77
N MET B 38 7.55 5.04 13.68
CA MET B 38 6.82 4.23 12.68
C MET B 38 6.30 2.95 13.37
N THR B 39 7.15 2.33 14.22
CA THR B 39 6.72 1.13 14.94
C THR B 39 5.53 1.46 15.83
N HIS B 40 5.63 2.57 16.57
CA HIS B 40 4.58 2.97 17.49
C HIS B 40 3.27 3.21 16.77
N ASN B 41 3.34 3.88 15.62
CA ASN B 41 2.10 4.20 14.89
C ASN B 41 1.50 2.94 14.24
N LEU B 42 2.35 2.00 13.81
CA LEU B 42 1.85 0.77 13.23
C LEU B 42 1.13 -0.05 14.33
N LEU B 43 1.73 -0.18 15.55
N LEU B 43 1.71 -0.11 15.54
CA LEU B 43 1.04 -0.96 16.60
CA LEU B 43 1.12 -0.79 16.69
C LEU B 43 -0.27 -0.24 17.09
C LEU B 43 -0.24 -0.23 17.01
N LEU B 44 -0.35 1.10 17.02
CA LEU B 44 -1.62 1.81 17.34
C LEU B 44 -2.70 1.37 16.34
N ASN B 45 -2.34 1.39 15.05
CA ASN B 45 -3.29 1.11 13.98
C ASN B 45 -3.68 -0.38 13.92
N TYR B 46 -2.86 -1.26 14.48
CA TYR B 46 -3.22 -2.67 14.58
C TYR B 46 -4.14 -2.91 15.84
N GLY B 47 -4.37 -1.88 16.66
CA GLY B 47 -5.19 -2.00 17.86
C GLY B 47 -4.46 -2.61 19.04
N LEU B 48 -3.12 -2.70 18.97
CA LEU B 48 -2.33 -3.37 19.98
C LEU B 48 -2.18 -2.60 21.31
N TYR B 49 -2.59 -1.33 21.39
CA TYR B 49 -2.49 -0.61 22.67
C TYR B 49 -3.50 -1.15 23.70
N ARG B 50 -4.60 -1.77 23.23
CA ARG B 50 -5.67 -2.26 24.10
C ARG B 50 -5.21 -3.13 25.26
N LYS B 51 -4.29 -4.09 25.03
CA LYS B 51 -3.87 -4.96 26.13
C LYS B 51 -2.46 -4.68 26.64
N MET B 52 -1.95 -3.48 26.37
CA MET B 52 -0.62 -3.09 26.79
CA MET B 52 -0.61 -3.11 26.83
C MET B 52 -0.62 -1.85 27.68
N GLU B 53 0.28 -1.77 28.69
CA GLU B 53 0.36 -0.58 29.53
C GLU B 53 1.42 0.26 28.84
N ILE B 54 1.05 1.43 28.36
CA ILE B 54 1.99 2.29 27.67
C ILE B 54 2.41 3.45 28.56
N TYR B 55 3.72 3.63 28.72
CA TYR B 55 4.26 4.70 29.54
C TYR B 55 5.24 5.57 28.77
N ARG B 56 5.36 6.85 29.17
CA ARG B 56 6.34 7.76 28.62
C ARG B 56 7.50 7.59 29.62
N PRO B 57 8.70 7.30 29.14
CA PRO B 57 9.83 7.16 30.05
C PRO B 57 10.23 8.51 30.66
N HIS B 58 10.88 8.47 31.83
CA HIS B 58 11.44 9.69 32.40
C HIS B 58 12.77 9.91 31.62
N LYS B 59 13.33 11.10 31.73
CA LYS B 59 14.64 11.38 31.18
C LYS B 59 15.63 10.90 32.24
N ALA B 60 16.40 9.84 31.93
CA ALA B 60 17.38 9.32 32.90
C ALA B 60 18.39 10.42 33.31
N THR B 61 18.66 10.50 34.61
CA THR B 61 19.57 11.53 35.12
C THR B 61 21.03 11.16 34.93
N ALA B 62 21.93 12.18 35.05
CA ALA B 62 23.38 11.91 35.01
C ALA B 62 23.77 10.93 36.13
N GLU B 63 23.10 11.00 37.29
CA GLU B 63 23.29 10.10 38.46
C GLU B 63 22.95 8.66 38.09
N GLU B 64 21.86 8.45 37.32
CA GLU B 64 21.50 7.11 36.87
C GLU B 64 22.56 6.63 35.85
N MET B 65 22.99 7.48 34.93
CA MET B 65 23.98 7.07 33.91
C MET B 65 25.35 6.76 34.46
N THR B 66 25.76 7.49 35.53
CA THR B 66 27.08 7.22 36.12
C THR B 66 27.13 5.97 37.00
N LYS B 67 26.03 5.20 37.09
CA LYS B 67 26.06 3.91 37.76
C LYS B 67 27.00 2.96 36.95
N TYR B 68 27.26 3.29 35.65
CA TYR B 68 28.16 2.58 34.78
C TYR B 68 29.19 3.53 34.15
N HIS B 69 28.73 4.55 33.43
CA HIS B 69 29.61 5.46 32.72
C HIS B 69 30.41 6.36 33.64
N SER B 70 31.56 6.84 33.15
CA SER B 70 32.35 7.77 33.94
C SER B 70 31.68 9.13 34.00
N ASP B 71 31.92 9.82 35.11
CA ASP B 71 31.38 11.16 35.34
C ASP B 71 31.84 12.13 34.28
N GLU B 72 33.10 12.01 33.82
CA GLU B 72 33.68 12.87 32.79
C GLU B 72 32.97 12.68 31.44
N TYR B 73 32.74 11.43 31.07
CA TYR B 73 32.07 11.11 29.81
C TYR B 73 30.60 11.62 29.80
N ILE B 74 29.86 11.41 30.88
CA ILE B 74 28.47 11.87 30.99
C ILE B 74 28.40 13.39 30.99
N LYS B 75 29.35 14.04 31.69
CA LYS B 75 29.39 15.52 31.70
C LYS B 75 29.64 16.03 30.27
N PHE B 76 30.50 15.35 29.50
CA PHE B 76 30.76 15.70 28.11
C PHE B 76 29.46 15.56 27.26
N LEU B 77 28.75 14.42 27.37
CA LEU B 77 27.50 14.23 26.59
C LEU B 77 26.47 15.28 26.97
N ARG B 78 26.43 15.69 28.25
CA ARG B 78 25.45 16.68 28.71
C ARG B 78 25.82 18.12 28.28
N SER B 79 27.08 18.35 27.87
CA SER B 79 27.57 19.68 27.49
C SER B 79 27.74 19.93 26.00
N ILE B 80 28.12 18.88 25.25
CA ILE B 80 28.42 19.00 23.83
C ILE B 80 27.20 19.31 22.96
N ARG B 81 27.34 20.29 22.07
CA ARG B 81 26.29 20.73 21.16
C ARG B 81 26.92 21.08 19.81
N PRO B 82 26.15 21.04 18.71
CA PRO B 82 26.72 21.42 17.41
C PRO B 82 27.31 22.84 17.42
N ASP B 83 26.73 23.78 18.22
CA ASP B 83 27.23 25.16 18.23
C ASP B 83 28.46 25.39 19.13
N ASN B 84 28.90 24.38 19.92
CA ASN B 84 30.08 24.55 20.77
C ASN B 84 31.18 23.49 20.51
N MET B 85 30.99 22.63 19.46
CA MET B 85 31.89 21.55 19.02
C MET B 85 33.34 22.00 18.83
N SER B 86 33.56 23.21 18.31
CA SER B 86 34.90 23.72 18.07
C SER B 86 35.73 23.84 19.37
N GLU B 87 35.07 23.91 20.54
CA GLU B 87 35.77 24.02 21.83
C GLU B 87 36.03 22.65 22.49
N TYR B 88 35.57 21.55 21.87
CA TYR B 88 35.68 20.23 22.48
C TYR B 88 36.45 19.22 21.61
N SER B 89 37.35 19.68 20.72
CA SER B 89 38.10 18.75 19.86
C SER B 89 38.85 17.66 20.63
N LYS B 90 39.50 17.98 21.77
CA LYS B 90 40.21 16.97 22.56
C LYS B 90 39.25 15.92 23.13
N GLN B 91 38.14 16.36 23.77
CA GLN B 91 37.20 15.40 24.33
C GLN B 91 36.48 14.59 23.25
N MET B 92 36.16 15.19 22.09
CA MET B 92 35.51 14.45 21.01
C MET B 92 36.39 13.28 20.53
N GLN B 93 37.71 13.52 20.46
CA GLN B 93 38.63 12.49 20.08
C GLN B 93 38.72 11.40 21.16
N ARG B 94 38.86 11.79 22.43
CA ARG B 94 38.95 10.81 23.52
C ARG B 94 37.67 9.96 23.65
N PHE B 95 36.50 10.59 23.50
CA PHE B 95 35.21 9.91 23.66
C PHE B 95 34.63 9.28 22.37
N ASN B 96 35.39 9.30 21.28
CA ASN B 96 35.03 8.71 19.99
C ASN B 96 33.75 9.29 19.37
N VAL B 97 33.60 10.61 19.47
CA VAL B 97 32.48 11.27 18.85
C VAL B 97 33.00 11.69 17.48
N GLY B 98 32.35 11.22 16.43
CA GLY B 98 32.76 11.47 15.07
C GLY B 98 31.72 11.00 14.08
N GLU B 99 32.15 10.35 12.97
CA GLU B 99 31.23 9.91 11.94
C GLU B 99 30.14 8.97 12.44
N ASP B 100 30.51 7.86 13.10
CA ASP B 100 29.51 6.91 13.56
C ASP B 100 28.66 7.50 14.69
N CYS B 101 29.28 8.27 15.59
CA CYS B 101 28.59 8.84 16.73
C CYS B 101 28.70 10.36 16.66
N PRO B 102 27.91 10.99 15.80
CA PRO B 102 28.01 12.45 15.63
C PRO B 102 27.37 13.25 16.75
N VAL B 103 27.67 14.55 16.76
CA VAL B 103 27.04 15.46 17.69
C VAL B 103 25.81 15.94 16.95
N PHE B 104 24.63 15.78 17.54
CA PHE B 104 23.41 16.27 16.93
C PHE B 104 22.58 17.01 17.96
N ASP B 105 21.63 17.84 17.51
CA ASP B 105 20.77 18.60 18.41
C ASP B 105 19.96 17.64 19.27
N GLY B 106 20.01 17.85 20.58
CA GLY B 106 19.25 17.05 21.51
C GLY B 106 19.84 15.69 21.82
N LEU B 107 21.11 15.48 21.46
CA LEU B 107 21.83 14.22 21.71
C LEU B 107 21.63 13.70 23.15
N PHE B 108 21.87 14.56 24.16
CA PHE B 108 21.76 14.14 25.54
C PHE B 108 20.34 13.73 25.87
N GLU B 109 19.34 14.49 25.40
CA GLU B 109 17.94 14.17 25.67
C GLU B 109 17.58 12.82 25.03
N PHE B 110 18.08 12.56 23.81
CA PHE B 110 17.87 11.27 23.12
C PHE B 110 18.41 10.13 24.02
N CYS B 111 19.63 10.32 24.56
CA CYS B 111 20.24 9.36 25.47
C CYS B 111 19.39 9.15 26.71
N GLN B 112 18.90 10.25 27.31
CA GLN B 112 18.10 10.17 28.51
C GLN B 112 16.81 9.40 28.30
N LEU B 113 16.16 9.59 27.15
CA LEU B 113 14.90 8.92 26.86
C LEU B 113 15.11 7.46 26.51
N SER B 114 16.16 7.18 25.72
CA SER B 114 16.46 5.77 25.40
C SER B 114 16.81 4.99 26.68
N THR B 115 17.67 5.57 27.54
CA THR B 115 18.05 4.95 28.80
C THR B 115 16.86 4.89 29.77
N GLY B 116 16.10 5.97 29.87
CA GLY B 116 14.94 6.05 30.76
C GLY B 116 13.98 4.89 30.58
N GLY B 117 13.69 4.54 29.33
CA GLY B 117 12.78 3.41 29.08
C GLY B 117 13.34 2.08 29.55
N SER B 118 14.65 1.83 29.34
CA SER B 118 15.22 0.55 29.73
C SER B 118 15.29 0.40 31.24
N VAL B 119 15.75 1.45 31.94
CA VAL B 119 15.85 1.43 33.40
CA VAL B 119 15.85 1.36 33.40
C VAL B 119 14.46 1.36 34.04
N ALA B 120 13.47 2.14 33.50
CA ALA B 120 12.10 2.09 34.07
C ALA B 120 11.51 0.69 33.89
N GLY B 121 11.76 0.06 32.74
CA GLY B 121 11.28 -1.29 32.51
C GLY B 121 11.89 -2.29 33.49
N ALA B 122 13.19 -2.13 33.76
CA ALA B 122 13.92 -2.99 34.68
C ALA B 122 13.31 -2.82 36.10
N VAL B 123 13.00 -1.57 36.50
CA VAL B 123 12.36 -1.34 37.82
C VAL B 123 11.00 -2.02 37.88
N LYS B 124 10.19 -1.90 36.82
CA LYS B 124 8.87 -2.56 36.78
C LYS B 124 8.97 -4.06 36.94
N LEU B 125 10.00 -4.67 36.32
CA LEU B 125 10.20 -6.09 36.43
C LEU B 125 10.63 -6.42 37.87
N ASN B 126 11.54 -5.61 38.45
CA ASN B 126 12.02 -5.84 39.83
C ASN B 126 10.88 -5.78 40.84
N ARG B 127 9.96 -4.84 40.63
CA ARG B 127 8.81 -4.68 41.52
C ARG B 127 7.68 -5.69 41.25
N GLN B 128 7.88 -6.62 40.31
CA GLN B 128 6.90 -7.62 39.92
C GLN B 128 5.58 -7.00 39.48
N GLN B 129 5.65 -5.83 38.84
CA GLN B 129 4.48 -5.13 38.33
C GLN B 129 4.15 -5.50 36.87
N THR B 130 5.05 -6.24 36.21
CA THR B 130 4.88 -6.72 34.86
C THR B 130 5.73 -7.98 34.66
N ASP B 131 5.36 -8.78 33.67
CA ASP B 131 6.09 -9.98 33.28
C ASP B 131 7.08 -9.59 32.14
N MET B 132 6.71 -8.60 31.30
CA MET B 132 7.55 -8.17 30.20
C MET B 132 7.55 -6.68 30.09
N ALA B 133 8.71 -6.09 29.83
CA ALA B 133 8.83 -4.65 29.62
C ALA B 133 9.49 -4.48 28.25
N VAL B 134 9.02 -3.54 27.46
CA VAL B 134 9.53 -3.31 26.10
C VAL B 134 10.00 -1.88 25.95
N ASN B 135 11.19 -1.69 25.37
CA ASN B 135 11.68 -0.34 25.09
C ASN B 135 12.37 -0.38 23.73
N TRP B 136 11.62 -0.10 22.64
CA TRP B 136 12.25 -0.16 21.30
C TRP B 136 13.30 0.91 21.08
N ALA B 137 13.30 1.99 21.89
CA ALA B 137 14.34 3.03 21.76
C ALA B 137 15.66 2.63 22.40
N GLY B 138 15.69 1.51 23.12
CA GLY B 138 16.88 1.03 23.82
C GLY B 138 17.65 0.01 23.00
N GLY B 139 18.51 -0.73 23.68
CA GLY B 139 19.35 -1.76 23.05
C GLY B 139 20.63 -1.23 22.44
N LEU B 140 21.15 -0.09 22.93
CA LEU B 140 22.34 0.52 22.33
C LEU B 140 23.61 -0.10 22.92
N HIS B 141 23.83 -1.35 22.49
CA HIS B 141 24.82 -2.26 23.04
C HIS B 141 26.31 -1.96 22.85
N HIS B 142 26.71 -1.00 22.00
CA HIS B 142 28.15 -0.76 21.82
C HIS B 142 28.75 0.26 22.76
N ALA B 143 27.94 1.12 23.39
CA ALA B 143 28.51 2.18 24.24
C ALA B 143 29.36 1.64 25.36
N LYS B 144 30.50 2.28 25.55
CA LYS B 144 31.48 1.85 26.55
C LYS B 144 31.45 2.74 27.78
N LYS B 145 32.16 2.33 28.85
CA LYS B 145 32.19 3.13 30.09
C LYS B 145 32.53 4.60 29.86
N SER B 146 33.56 4.87 29.05
CA SER B 146 33.96 6.24 28.79
CA SER B 146 33.95 6.25 28.78
C SER B 146 34.12 6.57 27.30
N GLU B 147 33.28 5.97 26.42
CA GLU B 147 33.37 6.28 25.00
C GLU B 147 32.14 5.83 24.23
N ALA B 148 31.79 6.62 23.25
CA ALA B 148 30.68 6.29 22.36
C ALA B 148 31.20 5.29 21.33
N SER B 149 30.29 4.52 20.72
CA SER B 149 30.71 3.55 19.70
C SER B 149 29.52 3.06 18.93
N GLY B 150 29.69 2.88 17.63
CA GLY B 150 28.67 2.29 16.76
C GLY B 150 27.27 2.82 16.92
N PHE B 151 27.12 4.13 16.84
CA PHE B 151 25.83 4.83 16.94
C PHE B 151 25.26 4.88 18.37
N CYS B 152 25.97 4.32 19.35
CA CYS B 152 25.55 4.25 20.76
C CYS B 152 26.36 5.19 21.62
N TYR B 153 25.70 5.91 22.53
CA TYR B 153 26.40 6.85 23.42
C TYR B 153 26.31 6.41 24.87
N VAL B 154 25.11 6.02 25.32
CA VAL B 154 24.89 5.57 26.68
C VAL B 154 24.39 4.15 26.59
N ASN B 155 25.03 3.25 27.32
CA ASN B 155 24.66 1.85 27.29
C ASN B 155 23.47 1.59 28.20
N ASP B 156 22.27 1.81 27.66
CA ASP B 156 21.03 1.59 28.44
C ASP B 156 20.91 0.14 28.88
N ILE B 157 21.50 -0.81 28.11
CA ILE B 157 21.38 -2.22 28.48
C ILE B 157 22.15 -2.50 29.75
N VAL B 158 23.41 -2.02 29.83
CA VAL B 158 24.22 -2.23 31.03
C VAL B 158 23.52 -1.61 32.25
N LEU B 159 22.97 -0.41 32.07
CA LEU B 159 22.27 0.28 33.17
C LEU B 159 21.04 -0.51 33.61
N ALA B 160 20.29 -1.07 32.64
CA ALA B 160 19.11 -1.89 32.94
C ALA B 160 19.52 -3.18 33.68
N ILE B 161 20.63 -3.79 33.26
CA ILE B 161 21.10 -5.01 33.88
C ILE B 161 21.55 -4.73 35.30
N LEU B 162 22.24 -3.60 35.53
CA LEU B 162 22.68 -3.21 36.89
C LEU B 162 21.42 -3.06 37.78
N GLU B 163 20.33 -2.50 37.22
CA GLU B 163 19.08 -2.36 37.98
CA GLU B 163 19.09 -2.35 37.97
C GLU B 163 18.52 -3.74 38.30
N LEU B 164 18.47 -4.65 37.30
CA LEU B 164 17.97 -6.01 37.52
C LEU B 164 18.81 -6.74 38.57
N LEU B 165 20.14 -6.50 38.59
CA LEU B 165 21.05 -7.15 39.54
C LEU B 165 20.74 -6.80 41.01
N LYS B 166 19.98 -5.71 41.25
CA LYS B 166 19.59 -5.39 42.64
C LYS B 166 18.67 -6.47 43.22
N TYR B 167 17.84 -7.10 42.37
CA TYR B 167 16.88 -8.10 42.79
C TYR B 167 17.19 -9.52 42.32
N HIS B 168 17.99 -9.65 41.25
CA HIS B 168 18.27 -10.94 40.62
C HIS B 168 19.70 -11.38 40.74
N GLN B 169 19.96 -12.59 41.30
CA GLN B 169 21.32 -13.06 41.46
C GLN B 169 21.99 -13.28 40.09
N ARG B 170 21.25 -13.86 39.16
CA ARG B 170 21.76 -14.16 37.82
C ARG B 170 20.84 -13.59 36.74
N VAL B 171 21.42 -12.83 35.82
CA VAL B 171 20.69 -12.23 34.70
C VAL B 171 21.25 -12.73 33.38
N LEU B 172 20.37 -13.16 32.48
CA LEU B 172 20.81 -13.62 31.16
C LEU B 172 20.56 -12.52 30.13
N TYR B 173 21.58 -12.19 29.35
CA TYR B 173 21.48 -11.20 28.27
C TYR B 173 21.61 -11.96 26.93
N ILE B 174 20.64 -11.79 26.02
CA ILE B 174 20.67 -12.47 24.71
C ILE B 174 20.61 -11.35 23.65
N ASP B 175 21.48 -11.41 22.65
CA ASP B 175 21.57 -10.33 21.67
C ASP B 175 21.48 -10.90 20.26
N ILE B 176 20.39 -10.58 19.53
CA ILE B 176 20.18 -11.09 18.15
C ILE B 176 20.37 -10.01 17.08
N ASP B 177 21.01 -8.88 17.48
CA ASP B 177 21.41 -7.85 16.51
C ASP B 177 22.50 -8.53 15.61
N ILE B 178 22.63 -8.10 14.36
CA ILE B 178 23.67 -8.71 13.52
C ILE B 178 25.09 -8.35 14.03
N HIS B 179 25.24 -7.25 14.79
CA HIS B 179 26.56 -6.88 15.31
C HIS B 179 26.79 -7.46 16.71
N HIS B 180 28.04 -7.83 17.02
CA HIS B 180 28.36 -8.36 18.34
C HIS B 180 28.01 -7.33 19.45
N GLY B 181 27.42 -7.77 20.56
CA GLY B 181 27.08 -6.89 21.68
C GLY B 181 28.28 -6.71 22.59
N ASP B 182 29.33 -6.04 22.07
CA ASP B 182 30.60 -5.84 22.74
C ASP B 182 30.56 -5.00 24.00
N GLY B 183 29.79 -3.90 24.01
CA GLY B 183 29.73 -3.06 25.20
C GLY B 183 29.16 -3.79 26.40
N VAL B 184 28.09 -4.59 26.16
CA VAL B 184 27.46 -5.35 27.24
C VAL B 184 28.41 -6.48 27.67
N GLU B 185 28.98 -7.19 26.69
CA GLU B 185 29.91 -8.27 27.00
C GLU B 185 31.11 -7.76 27.83
N GLU B 186 31.68 -6.63 27.44
CA GLU B 186 32.83 -6.05 28.17
C GLU B 186 32.47 -5.65 29.59
N ALA B 187 31.30 -5.00 29.77
CA ALA B 187 30.89 -4.56 31.11
C ALA B 187 30.83 -5.68 32.14
N PHE B 188 30.41 -6.89 31.71
CA PHE B 188 30.24 -8.01 32.63
C PHE B 188 31.21 -9.18 32.38
N TYR B 189 32.27 -8.94 31.64
CA TYR B 189 33.20 -9.98 31.25
C TYR B 189 33.81 -10.78 32.39
N THR B 190 34.02 -10.14 33.54
CA THR B 190 34.66 -10.83 34.68
C THR B 190 33.68 -11.24 35.81
N THR B 191 32.37 -11.22 35.55
CA THR B 191 31.41 -11.64 36.55
C THR B 191 30.56 -12.82 36.07
N ASP B 192 30.16 -13.65 37.02
CA ASP B 192 29.27 -14.77 36.79
C ASP B 192 27.80 -14.37 37.06
N ARG B 193 27.54 -13.11 37.47
CA ARG B 193 26.17 -12.67 37.74
C ARG B 193 25.39 -12.28 36.49
N VAL B 194 26.08 -12.21 35.35
CA VAL B 194 25.45 -11.93 34.08
C VAL B 194 26.07 -12.91 33.09
N MET B 195 25.22 -13.58 32.32
CA MET B 195 25.71 -14.43 31.23
C MET B 195 25.32 -13.65 29.96
N THR B 196 26.28 -13.38 29.06
CA THR B 196 25.97 -12.66 27.82
C THR B 196 26.05 -13.65 26.66
N VAL B 197 25.02 -13.68 25.78
CA VAL B 197 24.99 -14.62 24.67
C VAL B 197 24.71 -13.80 23.41
N SER B 198 25.65 -13.78 22.46
CA SER B 198 25.49 -12.99 21.26
C SER B 198 25.61 -13.86 20.01
N PHE B 199 24.66 -13.68 19.07
CA PHE B 199 24.67 -14.36 17.76
C PHE B 199 24.91 -13.19 16.80
N HIS B 200 25.96 -13.26 15.97
CA HIS B 200 26.29 -12.10 15.12
C HIS B 200 27.17 -12.48 13.97
N LYS B 201 27.25 -11.59 12.99
CA LYS B 201 28.15 -11.82 11.86
CA LYS B 201 28.14 -11.81 11.86
C LYS B 201 29.56 -11.55 12.39
N TYR B 202 30.50 -12.43 12.02
CA TYR B 202 31.88 -12.26 12.47
C TYR B 202 32.81 -12.45 11.29
N GLY B 203 33.76 -11.53 11.14
CA GLY B 203 34.72 -11.57 10.05
C GLY B 203 34.56 -10.37 9.14
N GLU B 204 35.55 -9.45 9.17
CA GLU B 204 35.54 -8.19 8.39
C GLU B 204 34.24 -7.44 8.62
N TYR B 205 33.88 -7.29 9.92
CA TYR B 205 32.59 -6.67 10.25
C TYR B 205 32.65 -6.05 11.63
N PHE B 206 32.04 -4.88 11.75
CA PHE B 206 32.03 -4.14 13.01
C PHE B 206 31.35 -4.96 14.12
N PRO B 207 31.86 -4.92 15.36
CA PRO B 207 33.05 -4.19 15.84
C PRO B 207 34.35 -4.99 15.83
N GLY B 208 34.36 -6.17 15.20
CA GLY B 208 35.54 -7.01 15.13
C GLY B 208 35.76 -7.92 16.33
N THR B 209 34.84 -7.92 17.28
CA THR B 209 34.92 -8.74 18.48
C THR B 209 33.86 -9.88 18.45
N GLY B 210 33.83 -10.72 19.48
CA GLY B 210 32.85 -11.80 19.53
C GLY B 210 33.30 -13.05 18.86
N ASP B 211 34.58 -13.38 19.00
CA ASP B 211 35.10 -14.62 18.46
C ASP B 211 34.54 -15.77 19.33
N LEU B 212 34.43 -16.96 18.76
CA LEU B 212 33.97 -18.18 19.45
C LEU B 212 34.81 -18.41 20.75
N ARG B 213 36.09 -18.02 20.72
CA ARG B 213 37.04 -18.20 21.83
C ARG B 213 36.98 -17.13 22.93
N ASP B 214 36.08 -16.13 22.77
CA ASP B 214 35.92 -15.10 23.80
C ASP B 214 34.83 -15.66 24.71
N ILE B 215 35.25 -16.27 25.82
CA ILE B 215 34.33 -16.93 26.73
C ILE B 215 34.25 -16.32 28.13
N GLY B 216 34.89 -15.19 28.36
CA GLY B 216 34.89 -14.55 29.67
C GLY B 216 36.24 -14.69 30.35
N ALA B 217 36.47 -13.95 31.44
CA ALA B 217 37.73 -14.02 32.18
C ALA B 217 37.51 -14.04 33.69
N GLY B 218 38.44 -14.63 34.43
CA GLY B 218 38.33 -14.72 35.89
C GLY B 218 37.08 -15.44 36.33
N LYS B 219 36.32 -14.84 37.26
CA LYS B 219 35.06 -15.43 37.72
C LYS B 219 34.00 -15.51 36.57
N GLY B 220 34.20 -14.71 35.54
CA GLY B 220 33.32 -14.69 34.37
C GLY B 220 33.66 -15.73 33.32
N LYS B 221 34.73 -16.55 33.52
CA LYS B 221 35.08 -17.59 32.53
C LYS B 221 33.90 -18.55 32.34
N TYR B 222 33.46 -18.73 31.07
CA TYR B 222 32.33 -19.54 30.61
C TYR B 222 30.98 -18.77 30.70
N TYR B 223 30.99 -17.51 31.13
CA TYR B 223 29.76 -16.72 31.24
C TYR B 223 29.56 -15.74 30.09
N ALA B 224 30.37 -15.84 29.03
CA ALA B 224 30.23 -15.05 27.79
C ALA B 224 30.18 -16.10 26.67
N VAL B 225 29.13 -16.06 25.84
CA VAL B 225 28.90 -17.01 24.76
C VAL B 225 28.78 -16.23 23.48
N ASN B 226 29.54 -16.61 22.48
CA ASN B 226 29.52 -15.95 21.19
C ASN B 226 29.34 -16.95 20.07
N PHE B 227 28.32 -16.73 19.22
CA PHE B 227 28.09 -17.61 18.08
C PHE B 227 28.39 -16.77 16.82
N PRO B 228 29.61 -16.92 16.26
CA PRO B 228 29.97 -16.18 15.07
C PRO B 228 29.38 -16.82 13.82
N MET B 229 28.80 -16.00 12.96
N MET B 229 28.77 -15.97 12.96
CA MET B 229 28.20 -16.49 11.72
CA MET B 229 28.08 -16.38 11.74
C MET B 229 28.74 -15.77 10.50
C MET B 229 28.60 -15.68 10.48
N ARG B 230 28.42 -16.32 9.32
CA ARG B 230 28.80 -15.75 8.05
C ARG B 230 27.49 -15.20 7.41
N ASP B 231 27.60 -14.53 6.26
CA ASP B 231 26.46 -13.99 5.55
C ASP B 231 25.43 -15.02 5.20
N GLY B 232 24.19 -14.56 5.07
CA GLY B 232 23.15 -15.39 4.52
C GLY B 232 22.40 -16.36 5.37
N ILE B 233 22.59 -16.34 6.71
N ILE B 233 22.60 -16.33 6.71
CA ILE B 233 21.84 -17.24 7.59
CA ILE B 233 21.84 -17.23 7.58
C ILE B 233 20.34 -17.03 7.40
C ILE B 233 20.34 -17.02 7.40
N ASP B 234 19.58 -18.12 7.35
CA ASP B 234 18.15 -18.02 7.11
C ASP B 234 17.36 -18.48 8.34
N ASP B 235 16.02 -18.39 8.28
CA ASP B 235 15.16 -18.74 9.41
C ASP B 235 15.39 -20.15 9.95
N GLU B 236 15.44 -21.12 9.05
CA GLU B 236 15.59 -22.51 9.44
C GLU B 236 16.93 -22.74 10.14
N SER B 237 18.05 -22.28 9.54
CA SER B 237 19.37 -22.45 10.13
CA SER B 237 19.35 -22.48 10.15
C SER B 237 19.52 -21.71 11.45
N TYR B 238 19.01 -20.48 11.52
CA TYR B 238 19.12 -19.70 12.75
C TYR B 238 18.32 -20.35 13.88
N GLY B 239 17.09 -20.77 13.56
CA GLY B 239 16.18 -21.37 14.51
C GLY B 239 16.71 -22.64 15.11
N GLN B 240 17.37 -23.46 14.25
CA GLN B 240 17.97 -24.75 14.64
C GLN B 240 19.12 -24.60 15.62
N ILE B 241 19.77 -23.43 15.70
CA ILE B 241 20.83 -23.25 16.69
C ILE B 241 20.38 -22.39 17.88
N PHE B 242 19.45 -21.45 17.64
CA PHE B 242 19.03 -20.57 18.73
C PHE B 242 18.32 -21.35 19.84
N LYS B 243 17.29 -22.15 19.49
CA LYS B 243 16.56 -22.87 20.53
C LYS B 243 17.45 -23.83 21.33
N PRO B 244 18.27 -24.70 20.69
CA PRO B 244 19.12 -25.59 21.51
C PRO B 244 20.13 -24.85 22.39
N ILE B 245 20.75 -23.79 21.88
CA ILE B 245 21.73 -23.03 22.68
C ILE B 245 21.05 -22.32 23.86
N ILE B 246 19.96 -21.58 23.62
CA ILE B 246 19.26 -20.90 24.70
C ILE B 246 18.71 -21.92 25.73
N SER B 247 18.23 -23.08 25.27
CA SER B 247 17.70 -24.10 26.20
C SER B 247 18.81 -24.61 27.11
N LYS B 248 20.00 -24.85 26.55
CA LYS B 248 21.14 -25.33 27.34
C LYS B 248 21.61 -24.26 28.32
N VAL B 249 21.64 -22.99 27.86
CA VAL B 249 22.00 -21.86 28.71
C VAL B 249 21.02 -21.76 29.87
N MET B 250 19.72 -21.89 29.61
CA MET B 250 18.70 -21.80 30.66
C MET B 250 18.89 -22.95 31.68
N GLU B 251 19.14 -24.16 31.17
CA GLU B 251 19.35 -25.34 32.02
C GLU B 251 20.59 -25.21 32.92
N MET B 252 21.71 -24.77 32.38
CA MET B 252 22.94 -24.64 33.14
C MET B 252 23.01 -23.40 34.02
N TYR B 253 22.60 -22.25 33.49
CA TYR B 253 22.73 -20.99 34.19
C TYR B 253 21.58 -20.67 35.14
N GLN B 254 20.36 -21.09 34.83
CA GLN B 254 19.16 -20.83 35.65
C GLN B 254 19.02 -19.36 36.04
N PRO B 255 18.96 -18.47 35.04
CA PRO B 255 18.82 -17.04 35.35
C PRO B 255 17.44 -16.72 35.94
N SER B 256 17.31 -15.64 36.70
CA SER B 256 15.98 -15.27 37.22
C SER B 256 15.35 -14.10 36.46
N ALA B 257 16.09 -13.50 35.49
CA ALA B 257 15.59 -12.42 34.64
C ALA B 257 16.36 -12.50 33.31
N VAL B 258 15.71 -12.02 32.26
CA VAL B 258 16.33 -12.06 30.93
C VAL B 258 16.20 -10.71 30.26
N VAL B 259 17.24 -10.31 29.55
CA VAL B 259 17.20 -9.10 28.74
C VAL B 259 17.46 -9.57 27.30
N LEU B 260 16.59 -9.22 26.37
CA LEU B 260 16.73 -9.66 24.97
C LEU B 260 16.85 -8.43 24.07
N GLN B 261 18.00 -8.28 23.42
CA GLN B 261 18.22 -7.16 22.51
C GLN B 261 17.77 -7.69 21.15
N CYS B 262 16.77 -7.02 20.55
CA CYS B 262 16.10 -7.42 19.31
C CYS B 262 16.51 -6.63 18.10
N GLY B 263 17.80 -6.29 17.97
CA GLY B 263 18.29 -5.53 16.80
C GLY B 263 17.77 -6.14 15.50
N ALA B 264 17.08 -5.33 14.69
CA ALA B 264 16.44 -5.80 13.47
C ALA B 264 17.34 -5.77 12.22
N ASP B 265 18.63 -5.49 12.40
CA ASP B 265 19.55 -5.50 11.28
C ASP B 265 19.96 -6.93 10.86
N SER B 266 19.47 -7.96 11.58
CA SER B 266 19.68 -9.36 11.21
C SER B 266 18.59 -9.81 10.17
N LEU B 267 17.67 -8.89 9.75
CA LEU B 267 16.64 -9.21 8.77
C LEU B 267 17.19 -9.13 7.37
N SER B 268 16.60 -9.92 6.47
CA SER B 268 16.90 -9.90 5.05
C SER B 268 16.65 -8.47 4.51
N GLY B 269 17.55 -7.99 3.66
CA GLY B 269 17.37 -6.68 3.06
C GLY B 269 17.80 -5.48 3.88
N ASP B 270 18.44 -5.75 5.05
CA ASP B 270 18.91 -4.64 5.88
C ASP B 270 19.99 -3.84 5.16
N ARG B 271 19.95 -2.52 5.28
CA ARG B 271 20.93 -1.66 4.63
C ARG B 271 22.39 -1.95 5.03
N LEU B 272 22.63 -2.31 6.29
N LEU B 272 22.61 -2.29 6.32
CA LEU B 272 23.99 -2.62 6.74
CA LEU B 272 23.94 -2.57 6.88
C LEU B 272 24.23 -4.13 6.90
C LEU B 272 24.23 -4.05 7.13
N GLY B 273 23.19 -4.87 7.22
CA GLY B 273 23.30 -6.29 7.48
C GLY B 273 23.30 -7.17 6.26
N CYS B 274 23.86 -8.37 6.44
CA CYS B 274 24.02 -9.37 5.42
C CYS B 274 23.42 -10.72 5.80
N PHE B 275 22.41 -10.74 6.70
CA PHE B 275 21.68 -11.96 7.05
C PHE B 275 20.42 -12.07 6.18
N ASN B 276 19.71 -13.20 6.28
CA ASN B 276 18.54 -13.47 5.46
C ASN B 276 17.34 -13.95 6.27
N LEU B 277 17.13 -13.36 7.49
CA LEU B 277 16.00 -13.75 8.29
C LEU B 277 14.75 -13.00 7.89
N THR B 278 13.59 -13.62 8.08
CA THR B 278 12.32 -12.92 7.88
C THR B 278 11.91 -12.38 9.28
N VAL B 279 10.79 -11.62 9.33
CA VAL B 279 10.25 -11.15 10.58
C VAL B 279 9.81 -12.35 11.43
N LYS B 280 9.24 -13.41 10.81
CA LYS B 280 8.86 -14.59 11.57
C LYS B 280 10.09 -15.29 12.17
N GLY B 281 11.17 -15.38 11.40
CA GLY B 281 12.40 -16.01 11.88
C GLY B 281 13.06 -15.26 13.02
N HIS B 282 13.02 -13.93 12.94
CA HIS B 282 13.61 -13.10 13.98
C HIS B 282 12.69 -13.21 15.26
N ALA B 283 11.36 -13.10 15.06
CA ALA B 283 10.39 -13.18 16.18
C ALA B 283 10.34 -14.54 16.84
N LYS B 284 10.78 -15.61 16.14
CA LYS B 284 10.85 -16.95 16.74
C LYS B 284 11.77 -16.89 18.00
N CYS B 285 12.77 -15.99 18.00
CA CYS B 285 13.66 -15.83 19.14
C CYS B 285 12.89 -15.35 20.37
N VAL B 286 11.97 -14.39 20.17
CA VAL B 286 11.15 -13.87 21.27
C VAL B 286 10.26 -15.00 21.77
N GLU B 287 9.65 -15.74 20.85
CA GLU B 287 8.78 -16.87 21.19
CA GLU B 287 8.78 -16.86 21.20
C GLU B 287 9.54 -17.88 22.06
N VAL B 288 10.76 -18.28 21.64
CA VAL B 288 11.55 -19.23 22.42
C VAL B 288 11.88 -18.73 23.80
N VAL B 289 12.33 -17.46 23.90
CA VAL B 289 12.67 -16.89 25.20
C VAL B 289 11.46 -16.85 26.12
N LYS B 290 10.29 -16.52 25.57
CA LYS B 290 9.06 -16.46 26.37
C LYS B 290 8.65 -17.79 26.98
N THR B 291 8.99 -18.92 26.33
CA THR B 291 8.62 -20.24 26.87
C THR B 291 9.20 -20.51 28.24
N PHE B 292 10.27 -19.81 28.64
CA PHE B 292 10.90 -20.04 29.95
C PHE B 292 10.20 -19.30 31.10
N ASN B 293 9.19 -18.46 30.79
CA ASN B 293 8.37 -17.75 31.76
C ASN B 293 9.16 -16.99 32.81
N LEU B 294 10.18 -16.25 32.38
CA LEU B 294 10.99 -15.45 33.28
C LEU B 294 10.72 -13.98 33.00
N PRO B 295 10.93 -13.10 34.00
CA PRO B 295 10.81 -11.63 33.76
C PRO B 295 11.70 -11.26 32.57
N LEU B 296 11.12 -10.57 31.60
CA LEU B 296 11.84 -10.27 30.37
C LEU B 296 11.81 -8.80 29.97
N LEU B 297 12.97 -8.23 29.67
CA LEU B 297 13.08 -6.87 29.17
C LEU B 297 13.47 -6.99 27.68
N MET B 298 12.61 -6.53 26.77
CA MET B 298 12.85 -6.62 25.34
C MET B 298 13.25 -5.24 24.86
N LEU B 299 14.42 -5.15 24.20
CA LEU B 299 14.93 -3.87 23.74
C LEU B 299 15.15 -3.86 22.24
N GLY B 300 15.29 -2.65 21.70
CA GLY B 300 15.57 -2.47 20.29
C GLY B 300 17.05 -2.66 20.01
N GLY B 301 17.57 -1.89 19.08
CA GLY B 301 18.97 -2.00 18.69
C GLY B 301 19.10 -1.54 17.25
N GLY B 302 19.88 -2.26 16.46
CA GLY B 302 20.05 -1.89 15.06
C GLY B 302 18.82 -2.14 14.20
N GLY B 303 18.95 -1.84 12.92
CA GLY B 303 17.83 -1.99 11.99
C GLY B 303 17.84 -0.73 11.15
N TYR B 304 18.21 -0.91 9.87
CA TYR B 304 18.51 0.22 8.99
C TYR B 304 17.69 0.31 7.69
N THR B 305 16.75 -0.62 7.48
CA THR B 305 15.76 -0.53 6.37
C THR B 305 14.51 -0.32 7.22
N ILE B 306 14.17 0.96 7.45
CA ILE B 306 13.19 1.30 8.47
C ILE B 306 11.81 0.71 8.29
N ARG B 307 11.30 0.49 7.06
CA ARG B 307 9.96 -0.15 6.96
C ARG B 307 10.03 -1.58 7.56
N ASN B 308 11.18 -2.28 7.40
CA ASN B 308 11.29 -3.63 7.94
C ASN B 308 11.48 -3.64 9.45
N VAL B 309 12.09 -2.59 9.99
CA VAL B 309 12.27 -2.46 11.44
C VAL B 309 10.90 -2.29 12.08
N ALA B 310 10.05 -1.42 11.48
CA ALA B 310 8.71 -1.19 12.00
C ALA B 310 7.91 -2.48 11.96
N ARG B 311 8.03 -3.24 10.87
CA ARG B 311 7.32 -4.54 10.76
C ARG B 311 7.78 -5.47 11.88
N CYS B 312 9.08 -5.60 12.02
CA CYS B 312 9.68 -6.52 12.97
C CYS B 312 9.24 -6.25 14.41
N TRP B 313 9.42 -5.01 14.85
CA TRP B 313 9.11 -4.68 16.24
C TRP B 313 7.61 -4.65 16.50
N THR B 314 6.80 -4.36 15.48
CA THR B 314 5.35 -4.43 15.64
C THR B 314 4.98 -5.92 15.87
N TYR B 315 5.53 -6.81 15.03
CA TYR B 315 5.23 -8.24 15.18
C TYR B 315 5.72 -8.78 16.52
N GLU B 316 6.91 -8.38 16.95
CA GLU B 316 7.47 -8.83 18.23
C GLU B 316 6.68 -8.30 19.43
N THR B 317 6.07 -7.11 19.30
CA THR B 317 5.22 -6.60 20.38
C THR B 317 3.95 -7.51 20.42
N ALA B 318 3.40 -7.86 19.25
CA ALA B 318 2.24 -8.75 19.15
C ALA B 318 2.60 -10.11 19.79
N VAL B 319 3.82 -10.63 19.51
CA VAL B 319 4.27 -11.90 20.12
C VAL B 319 4.30 -11.76 21.65
N ALA B 320 4.85 -10.66 22.13
CA ALA B 320 4.93 -10.42 23.59
C ALA B 320 3.51 -10.43 24.23
N LEU B 321 2.54 -9.89 23.50
CA LEU B 321 1.14 -9.79 23.95
C LEU B 321 0.35 -11.07 23.72
N ASP B 322 0.92 -12.07 23.03
CA ASP B 322 0.23 -13.30 22.71
C ASP B 322 -0.97 -13.03 21.81
N CYS B 323 -0.83 -12.10 20.86
CA CYS B 323 -1.89 -11.68 19.93
CA CYS B 323 -1.92 -11.87 19.93
C CYS B 323 -1.43 -11.95 18.52
N GLU B 324 -2.28 -12.50 17.66
CA GLU B 324 -1.91 -12.63 16.28
C GLU B 324 -2.48 -11.40 15.58
N ILE B 325 -1.77 -10.97 14.57
CA ILE B 325 -2.17 -9.80 13.79
C ILE B 325 -2.14 -10.17 12.33
N PRO B 326 -3.05 -9.60 11.53
CA PRO B 326 -3.08 -9.96 10.11
C PRO B 326 -1.88 -9.47 9.31
N ASN B 327 -1.59 -10.16 8.22
CA ASN B 327 -0.52 -9.79 7.32
C ASN B 327 -0.88 -8.50 6.59
N GLU B 328 -2.17 -8.23 6.35
CA GLU B 328 -2.62 -7.01 5.70
C GLU B 328 -2.34 -5.83 6.63
N LEU B 329 -1.44 -4.90 6.22
CA LEU B 329 -1.17 -3.76 7.11
C LEU B 329 -2.39 -2.86 7.22
N PRO B 330 -2.67 -2.35 8.42
CA PRO B 330 -3.76 -1.38 8.55
C PRO B 330 -3.25 -0.05 7.99
N TYR B 331 -4.20 0.85 7.64
CA TYR B 331 -3.80 2.20 7.21
C TYR B 331 -3.10 2.87 8.42
N ASN B 332 -2.07 3.65 8.15
CA ASN B 332 -1.31 4.32 9.19
C ASN B 332 -0.64 5.57 8.64
N ASP B 333 -0.03 6.38 9.56
CA ASP B 333 0.62 7.63 9.17
C ASP B 333 1.74 7.49 8.14
N TYR B 334 2.33 6.30 8.02
CA TYR B 334 3.47 6.04 7.13
C TYR B 334 3.14 4.94 6.13
N PHE B 335 1.87 4.80 5.74
CA PHE B 335 1.43 3.70 4.89
C PHE B 335 2.24 3.54 3.61
N GLU B 336 2.55 4.66 2.94
CA GLU B 336 3.32 4.65 1.70
C GLU B 336 4.74 4.09 1.85
N TYR B 337 5.28 4.06 3.10
CA TYR B 337 6.63 3.50 3.30
C TYR B 337 6.61 1.97 3.13
N PHE B 338 5.44 1.33 3.26
CA PHE B 338 5.36 -0.13 3.22
C PHE B 338 5.03 -0.73 1.86
N GLY B 339 5.11 0.09 0.81
CA GLY B 339 4.92 -0.43 -0.54
C GLY B 339 6.12 -1.28 -0.93
N PRO B 340 6.02 -2.07 -2.01
CA PRO B 340 4.87 -2.16 -2.94
C PRO B 340 3.72 -3.05 -2.49
N ASP B 341 3.96 -3.90 -1.49
CA ASP B 341 3.03 -4.92 -1.04
C ASP B 341 2.09 -4.55 0.13
N PHE B 342 2.52 -3.65 1.03
CA PHE B 342 1.70 -3.27 2.19
C PHE B 342 1.35 -4.45 3.08
N LYS B 343 2.28 -5.40 3.20
CA LYS B 343 2.12 -6.58 4.08
C LYS B 343 3.07 -6.44 5.28
N LEU B 344 2.77 -7.15 6.35
CA LEU B 344 3.60 -7.10 7.55
C LEU B 344 4.83 -7.98 7.38
N HIS B 345 4.62 -9.18 6.85
CA HIS B 345 5.70 -10.16 6.71
C HIS B 345 6.54 -9.96 5.47
N ILE B 346 7.83 -10.32 5.56
CA ILE B 346 8.75 -10.16 4.45
C ILE B 346 9.23 -11.53 3.95
N SER B 347 9.69 -11.56 2.70
CA SER B 347 10.19 -12.80 2.11
C SER B 347 11.69 -12.79 2.15
N PRO B 348 12.32 -13.96 2.27
CA PRO B 348 13.79 -14.00 2.25
C PRO B 348 14.26 -13.78 0.81
N SER B 349 15.52 -13.41 0.65
CA SER B 349 16.10 -13.22 -0.69
C SER B 349 16.73 -14.54 -1.16
N ASN B 350 17.31 -14.55 -2.38
CA ASN B 350 17.99 -15.73 -2.89
C ASN B 350 19.47 -15.74 -2.51
N MET B 351 19.91 -14.91 -1.52
CA MET B 351 21.32 -14.89 -1.15
C MET B 351 21.78 -16.25 -0.63
N THR B 352 23.02 -16.62 -0.96
CA THR B 352 23.56 -17.89 -0.48
C THR B 352 23.75 -17.85 1.03
N ASN B 353 23.41 -18.95 1.68
CA ASN B 353 23.64 -19.08 3.11
C ASN B 353 25.07 -19.66 3.23
N GLN B 354 26.03 -18.83 3.62
CA GLN B 354 27.41 -19.29 3.76
C GLN B 354 27.68 -20.14 5.00
N ASN B 355 26.70 -20.22 5.92
CA ASN B 355 26.79 -21.03 7.12
C ASN B 355 26.37 -22.43 6.74
N THR B 356 27.33 -23.27 6.37
CA THR B 356 27.01 -24.66 6.00
C THR B 356 26.43 -25.40 7.21
N PRO B 357 25.64 -26.47 6.98
CA PRO B 357 25.11 -27.24 8.12
C PRO B 357 26.21 -27.76 9.04
N GLU B 358 27.37 -28.16 8.47
CA GLU B 358 28.48 -28.68 9.27
C GLU B 358 29.14 -27.57 10.07
N TYR B 359 29.25 -26.36 9.49
CA TYR B 359 29.79 -25.20 10.18
C TYR B 359 28.90 -24.92 11.42
N MET B 360 27.57 -24.87 11.24
CA MET B 360 26.66 -24.58 12.34
C MET B 360 26.70 -25.63 13.44
N GLU B 361 26.77 -26.92 13.05
CA GLU B 361 26.83 -27.98 14.05
C GLU B 361 28.16 -28.01 14.80
N LYS B 362 29.25 -27.69 14.11
CA LYS B 362 30.57 -27.68 14.75
C LYS B 362 30.69 -26.56 15.78
N ILE B 363 30.21 -25.35 15.42
CA ILE B 363 30.20 -24.24 16.36
C ILE B 363 29.28 -24.55 17.54
N LYS B 364 28.08 -25.11 17.27
CA LYS B 364 27.13 -25.49 18.33
C LYS B 364 27.78 -26.50 19.30
N GLN B 365 28.51 -27.48 18.77
CA GLN B 365 29.18 -28.46 19.61
C GLN B 365 30.26 -27.81 20.47
N ARG B 366 31.06 -26.89 19.89
CA ARG B 366 32.09 -26.19 20.64
C ARG B 366 31.46 -25.36 21.79
N LEU B 367 30.33 -24.68 21.52
CA LEU B 367 29.64 -23.92 22.57
C LEU B 367 29.06 -24.82 23.63
N PHE B 368 28.53 -25.98 23.24
CA PHE B 368 27.97 -26.93 24.19
C PHE B 368 29.06 -27.43 25.15
N GLU B 369 30.30 -27.58 24.65
CA GLU B 369 31.44 -28.00 25.48
C GLU B 369 31.73 -26.94 26.54
N ASN B 370 31.67 -25.65 26.15
CA ASN B 370 31.90 -24.56 27.08
C ASN B 370 30.76 -24.48 28.09
N LEU B 371 29.51 -24.70 27.64
CA LEU B 371 28.36 -24.64 28.56
C LEU B 371 28.40 -25.78 29.58
N ARG B 372 28.97 -26.92 29.21
CA ARG B 372 29.11 -28.03 30.16
C ARG B 372 30.15 -27.74 31.26
N MET B 373 31.04 -26.74 31.06
CA MET B 373 32.03 -26.34 32.05
C MET B 373 31.45 -25.41 33.13
N LEU B 374 30.15 -25.06 33.06
CA LEU B 374 29.50 -24.19 34.05
C LEU B 374 29.23 -24.97 35.34
N PRO B 375 29.43 -24.32 36.51
CA PRO B 375 29.18 -25.01 37.78
C PRO B 375 27.70 -25.24 38.04
N LYS C 10 15.18 -30.95 -22.84
CA LYS C 10 14.61 -30.11 -21.80
C LYS C 10 13.74 -30.94 -20.86
N LYS C 11 13.92 -30.74 -19.56
CA LYS C 11 13.18 -31.47 -18.54
C LYS C 11 11.81 -30.83 -18.27
N VAL C 12 10.78 -31.66 -18.11
CA VAL C 12 9.43 -31.19 -17.85
C VAL C 12 8.89 -31.80 -16.56
N CYS C 13 8.46 -30.95 -15.62
CA CYS C 13 7.84 -31.37 -14.36
C CYS C 13 6.35 -31.09 -14.50
N TYR C 14 5.50 -32.00 -14.03
CA TYR C 14 4.06 -31.87 -14.20
C TYR C 14 3.38 -32.05 -12.86
N TYR C 15 2.43 -31.14 -12.54
CA TYR C 15 1.74 -31.12 -11.27
C TYR C 15 0.30 -31.51 -11.41
N TYR C 16 -0.10 -32.52 -10.62
CA TYR C 16 -1.46 -33.02 -10.70
C TYR C 16 -1.83 -33.73 -9.42
N ASP C 17 -3.05 -33.47 -8.92
CA ASP C 17 -3.58 -34.13 -7.74
C ASP C 17 -4.82 -34.88 -8.23
N GLY C 18 -4.88 -36.18 -7.98
CA GLY C 18 -5.97 -37.04 -8.39
C GLY C 18 -7.38 -36.67 -7.95
N ASP C 19 -7.52 -35.77 -6.95
CA ASP C 19 -8.85 -35.35 -6.51
C ASP C 19 -9.35 -34.05 -7.20
N ILE C 20 -8.48 -33.38 -7.98
CA ILE C 20 -8.86 -32.12 -8.62
C ILE C 20 -10.12 -32.23 -9.49
N GLY C 21 -10.27 -33.35 -10.20
CA GLY C 21 -11.41 -33.56 -11.07
C GLY C 21 -12.74 -33.71 -10.37
N ASN C 22 -12.73 -33.97 -9.05
CA ASN C 22 -13.98 -34.15 -8.31
C ASN C 22 -14.60 -32.84 -7.83
N TYR C 23 -13.87 -31.70 -7.88
CA TYR C 23 -14.48 -30.43 -7.45
C TYR C 23 -15.53 -30.03 -8.47
N TYR C 24 -16.68 -29.60 -7.97
CA TYR C 24 -17.81 -29.31 -8.83
C TYR C 24 -18.40 -27.94 -8.57
N TYR C 25 -18.36 -27.07 -9.57
CA TYR C 25 -18.89 -25.71 -9.40
C TYR C 25 -20.42 -25.63 -9.31
N GLY C 26 -21.12 -26.73 -9.60
CA GLY C 26 -22.57 -26.72 -9.58
C GLY C 26 -23.20 -26.95 -10.94
N GLN C 27 -24.48 -27.40 -10.95
CA GLN C 27 -25.24 -27.67 -12.17
C GLN C 27 -25.31 -26.50 -13.15
N GLY C 28 -24.87 -26.75 -14.36
CA GLY C 28 -24.89 -25.73 -15.40
C GLY C 28 -23.71 -24.77 -15.43
N HIS C 29 -22.88 -24.76 -14.35
CA HIS C 29 -21.74 -23.82 -14.35
C HIS C 29 -20.75 -24.26 -15.41
N PRO C 30 -20.29 -23.32 -16.27
CA PRO C 30 -19.35 -23.73 -17.33
C PRO C 30 -17.98 -24.25 -16.87
N MET C 31 -17.49 -23.82 -15.68
CA MET C 31 -16.18 -24.27 -15.19
C MET C 31 -16.26 -25.69 -14.68
N LYS C 32 -15.53 -26.60 -15.34
CA LYS C 32 -15.55 -28.01 -15.00
C LYS C 32 -14.21 -28.59 -14.69
N PRO C 33 -13.81 -28.65 -13.41
CA PRO C 33 -12.50 -29.24 -13.06
C PRO C 33 -12.25 -30.65 -13.58
N HIS C 34 -13.32 -31.38 -13.95
CA HIS C 34 -13.20 -32.72 -14.54
C HIS C 34 -12.36 -32.69 -15.83
N ARG C 35 -12.33 -31.53 -16.54
CA ARG C 35 -11.51 -31.38 -17.74
C ARG C 35 -10.01 -31.64 -17.45
N ILE C 36 -9.55 -31.39 -16.19
N ILE C 36 -9.55 -31.39 -16.21
CA ILE C 36 -8.15 -31.62 -15.82
CA ILE C 36 -8.14 -31.62 -15.86
C ILE C 36 -7.87 -33.12 -15.75
C ILE C 36 -7.85 -33.13 -15.75
N ARG C 37 -8.83 -33.89 -15.23
CA ARG C 37 -8.67 -35.34 -15.12
C ARG C 37 -8.76 -35.95 -16.54
N MET C 38 -9.64 -35.41 -17.42
CA MET C 38 -9.72 -35.91 -18.81
C MET C 38 -8.39 -35.66 -19.52
N THR C 39 -7.79 -34.48 -19.29
CA THR C 39 -6.51 -34.16 -19.90
C THR C 39 -5.43 -35.14 -19.40
N HIS C 40 -5.39 -35.37 -18.08
CA HIS C 40 -4.44 -36.25 -17.44
C HIS C 40 -4.52 -37.68 -17.99
N ASN C 41 -5.73 -38.22 -18.08
CA ASN C 41 -5.91 -39.58 -18.57
C ASN C 41 -5.52 -39.70 -20.04
N LEU C 42 -5.86 -38.69 -20.84
CA LEU C 42 -5.48 -38.71 -22.26
C LEU C 42 -3.95 -38.67 -22.41
N LEU C 43 -3.25 -37.76 -21.69
CA LEU C 43 -1.79 -37.68 -21.81
C LEU C 43 -1.10 -38.93 -21.22
N LEU C 44 -1.73 -39.59 -20.22
CA LEU C 44 -1.21 -40.81 -19.62
C LEU C 44 -1.28 -41.93 -20.70
N ASN C 45 -2.41 -42.02 -21.42
CA ASN C 45 -2.61 -43.04 -22.44
C ASN C 45 -1.79 -42.81 -23.71
N TYR C 46 -1.31 -41.57 -23.93
CA TYR C 46 -0.45 -41.28 -25.07
C TYR C 46 1.03 -41.64 -24.77
N GLY C 47 1.34 -41.97 -23.51
CA GLY C 47 2.69 -42.32 -23.08
C GLY C 47 3.51 -41.11 -22.64
N LEU C 48 2.88 -39.92 -22.52
CA LEU C 48 3.57 -38.69 -22.15
C LEU C 48 3.86 -38.60 -20.66
N TYR C 49 2.99 -39.18 -19.82
CA TYR C 49 3.09 -39.19 -18.36
C TYR C 49 4.43 -39.78 -17.90
N ARG C 50 4.87 -40.87 -18.54
CA ARG C 50 6.14 -41.53 -18.19
C ARG C 50 7.39 -40.74 -18.63
N LYS C 51 7.23 -39.72 -19.48
CA LYS C 51 8.35 -38.90 -19.95
C LYS C 51 8.60 -37.65 -19.05
N MET C 52 7.67 -37.35 -18.15
CA MET C 52 7.76 -36.20 -17.25
C MET C 52 7.96 -36.64 -15.81
N GLU C 53 8.46 -35.72 -14.97
CA GLU C 53 8.59 -35.99 -13.55
C GLU C 53 7.22 -35.56 -13.03
N ILE C 54 6.44 -36.50 -12.50
CA ILE C 54 5.09 -36.21 -12.03
C ILE C 54 5.10 -35.93 -10.53
N TYR C 55 4.43 -34.86 -10.12
CA TYR C 55 4.37 -34.49 -8.71
C TYR C 55 2.96 -34.19 -8.28
N ARG C 56 2.61 -34.63 -7.07
CA ARG C 56 1.31 -34.34 -6.51
C ARG C 56 1.60 -33.09 -5.69
N PRO C 57 1.00 -31.95 -6.04
CA PRO C 57 1.31 -30.71 -5.32
C PRO C 57 0.77 -30.66 -3.91
N HIS C 58 1.57 -30.10 -3.01
CA HIS C 58 1.14 -29.90 -1.63
C HIS C 58 0.13 -28.75 -1.67
N LYS C 59 -0.87 -28.80 -0.79
CA LYS C 59 -1.87 -27.75 -0.70
C LYS C 59 -1.21 -26.44 -0.26
N ALA C 60 -1.47 -25.32 -0.96
CA ALA C 60 -0.92 -24.02 -0.55
C ALA C 60 -1.59 -23.65 0.77
N THR C 61 -0.84 -23.10 1.73
CA THR C 61 -1.43 -22.71 3.00
C THR C 61 -2.11 -21.36 2.88
N ALA C 62 -3.05 -21.04 3.79
CA ALA C 62 -3.70 -19.73 3.85
C ALA C 62 -2.62 -18.62 3.98
N GLU C 63 -1.52 -18.92 4.70
CA GLU C 63 -0.42 -17.98 4.89
C GLU C 63 0.30 -17.67 3.58
N GLU C 64 0.54 -18.69 2.76
CA GLU C 64 1.15 -18.50 1.43
C GLU C 64 0.21 -17.60 0.59
N MET C 65 -1.11 -17.85 0.67
CA MET C 65 -2.07 -17.05 -0.09
C MET C 65 -2.11 -15.59 0.36
N THR C 66 -1.91 -15.31 1.66
CA THR C 66 -1.94 -13.92 2.12
C THR C 66 -0.67 -13.14 1.77
N LYS C 67 0.30 -13.74 1.04
CA LYS C 67 1.42 -12.94 0.54
C LYS C 67 0.85 -11.92 -0.49
N TYR C 68 -0.35 -12.20 -1.07
CA TYR C 68 -0.98 -11.31 -2.01
C TYR C 68 -2.41 -10.96 -1.59
N HIS C 69 -3.23 -11.98 -1.29
CA HIS C 69 -4.62 -11.74 -0.95
C HIS C 69 -4.78 -11.21 0.45
N SER C 70 -5.88 -10.51 0.72
CA SER C 70 -6.11 -9.97 2.06
C SER C 70 -6.46 -11.09 3.05
N ASP C 71 -6.16 -10.87 4.35
CA ASP C 71 -6.47 -11.88 5.36
C ASP C 71 -7.96 -12.12 5.46
N GLU C 72 -8.76 -11.05 5.47
CA GLU C 72 -10.22 -11.20 5.59
C GLU C 72 -10.79 -12.00 4.43
N TYR C 73 -10.25 -11.79 3.21
CA TYR C 73 -10.73 -12.53 2.04
C TYR C 73 -10.39 -14.02 2.14
N ILE C 74 -9.15 -14.36 2.49
CA ILE C 74 -8.73 -15.75 2.62
C ILE C 74 -9.48 -16.42 3.77
N LYS C 75 -9.70 -15.72 4.89
CA LYS C 75 -10.44 -16.28 6.04
C LYS C 75 -11.87 -16.63 5.61
N PHE C 76 -12.49 -15.76 4.81
CA PHE C 76 -13.83 -15.95 4.27
C PHE C 76 -13.84 -17.23 3.39
N LEU C 77 -12.84 -17.38 2.48
CA LEU C 77 -12.78 -18.56 1.61
C LEU C 77 -12.63 -19.84 2.43
N ARG C 78 -11.87 -19.77 3.53
CA ARG C 78 -11.65 -20.92 4.42
C ARG C 78 -12.90 -21.28 5.22
N SER C 79 -13.77 -20.31 5.48
CA SER C 79 -14.95 -20.45 6.32
C SER C 79 -16.27 -20.72 5.64
N ILE C 80 -16.50 -20.14 4.46
CA ILE C 80 -17.78 -20.26 3.77
C ILE C 80 -18.06 -21.70 3.35
N ARG C 81 -19.31 -22.11 3.46
CA ARG C 81 -19.76 -23.46 3.13
C ARG C 81 -21.16 -23.33 2.53
N PRO C 82 -21.59 -24.27 1.67
CA PRO C 82 -22.96 -24.18 1.12
C PRO C 82 -24.05 -24.11 2.21
N ASP C 83 -23.85 -24.77 3.36
CA ASP C 83 -24.88 -24.75 4.42
C ASP C 83 -24.77 -23.59 5.44
N ASN C 84 -23.84 -22.64 5.24
CA ASN C 84 -23.72 -21.52 6.18
C ASN C 84 -23.75 -20.15 5.50
N MET C 85 -24.02 -20.09 4.16
CA MET C 85 -24.05 -18.85 3.38
C MET C 85 -24.91 -17.72 3.96
N SER C 86 -26.02 -18.03 4.66
CA SER C 86 -26.88 -16.98 5.23
C SER C 86 -26.16 -16.14 6.29
N GLU C 87 -25.17 -16.72 6.97
CA GLU C 87 -24.37 -15.99 7.96
C GLU C 87 -23.28 -15.10 7.29
N TYR C 88 -23.11 -15.20 5.96
CA TYR C 88 -22.08 -14.44 5.25
C TYR C 88 -22.62 -13.61 4.07
N SER C 89 -23.89 -13.18 4.09
CA SER C 89 -24.45 -12.39 2.99
C SER C 89 -23.70 -11.09 2.72
N LYS C 90 -23.25 -10.41 3.78
CA LYS C 90 -22.49 -9.16 3.61
C LYS C 90 -21.11 -9.44 3.00
N GLN C 91 -20.40 -10.48 3.50
CA GLN C 91 -19.07 -10.80 2.96
C GLN C 91 -19.17 -11.35 1.53
N MET C 92 -20.25 -12.05 1.17
CA MET C 92 -20.41 -12.54 -0.21
C MET C 92 -20.50 -11.34 -1.18
N GLN C 93 -21.18 -10.27 -0.77
CA GLN C 93 -21.28 -9.08 -1.63
C GLN C 93 -19.90 -8.38 -1.67
N ARG C 94 -19.22 -8.28 -0.52
CA ARG C 94 -17.91 -7.64 -0.45
C ARG C 94 -16.87 -8.34 -1.32
N PHE C 95 -16.91 -9.67 -1.32
CA PHE C 95 -15.94 -10.49 -2.01
C PHE C 95 -16.38 -11.06 -3.38
N ASN C 96 -17.54 -10.62 -3.88
CA ASN C 96 -18.10 -11.03 -5.16
C ASN C 96 -18.27 -12.54 -5.30
N VAL C 97 -18.78 -13.15 -4.24
CA VAL C 97 -19.07 -14.56 -4.28
C VAL C 97 -20.55 -14.64 -4.63
N GLY C 98 -20.85 -15.29 -5.74
CA GLY C 98 -22.22 -15.38 -6.24
C GLY C 98 -22.36 -16.31 -7.42
N GLU C 99 -22.99 -15.84 -8.52
CA GLU C 99 -23.21 -16.68 -9.70
C GLU C 99 -21.94 -17.18 -10.40
N ASP C 100 -21.04 -16.27 -10.80
CA ASP C 100 -19.81 -16.65 -11.49
C ASP C 100 -18.91 -17.41 -10.54
N CYS C 101 -18.84 -16.97 -9.26
CA CYS C 101 -17.95 -17.62 -8.30
C CYS C 101 -18.78 -18.16 -7.16
N PRO C 102 -19.40 -19.34 -7.37
CA PRO C 102 -20.26 -19.90 -6.33
C PRO C 102 -19.54 -20.54 -5.15
N VAL C 103 -20.31 -20.82 -4.11
CA VAL C 103 -19.80 -21.50 -2.94
C VAL C 103 -20.06 -22.96 -3.21
N PHE C 104 -19.01 -23.78 -3.27
CA PHE C 104 -19.18 -25.21 -3.48
C PHE C 104 -18.37 -26.02 -2.48
N ASP C 105 -18.74 -27.30 -2.30
CA ASP C 105 -18.05 -28.21 -1.39
C ASP C 105 -16.57 -28.33 -1.74
N GLY C 106 -15.73 -28.08 -0.75
CA GLY C 106 -14.28 -28.18 -0.92
C GLY C 106 -13.65 -27.01 -1.66
N LEU C 107 -14.36 -25.88 -1.79
CA LEU C 107 -13.86 -24.67 -2.46
C LEU C 107 -12.43 -24.30 -2.03
N PHE C 108 -12.18 -24.19 -0.71
CA PHE C 108 -10.85 -23.84 -0.24
C PHE C 108 -9.80 -24.84 -0.65
N GLU C 109 -10.13 -26.14 -0.56
CA GLU C 109 -9.19 -27.18 -0.96
C GLU C 109 -8.89 -27.10 -2.45
N PHE C 110 -9.89 -26.75 -3.28
CA PHE C 110 -9.67 -26.58 -4.72
C PHE C 110 -8.65 -25.45 -4.95
N CYS C 111 -8.83 -24.32 -4.25
CA CYS C 111 -7.88 -23.18 -4.35
C CYS C 111 -6.48 -23.59 -3.91
N GLN C 112 -6.40 -24.41 -2.85
CA GLN C 112 -5.13 -24.85 -2.33
C GLN C 112 -4.36 -25.73 -3.30
N LEU C 113 -5.06 -26.61 -4.02
CA LEU C 113 -4.40 -27.52 -4.96
C LEU C 113 -4.03 -26.79 -6.24
N SER C 114 -4.93 -25.90 -6.73
CA SER C 114 -4.69 -25.11 -7.92
C SER C 114 -3.44 -24.24 -7.70
N THR C 115 -3.41 -23.51 -6.56
CA THR C 115 -2.30 -22.65 -6.20
C THR C 115 -1.03 -23.42 -5.90
N GLY C 116 -1.15 -24.51 -5.13
CA GLY C 116 -0.01 -25.35 -4.76
C GLY C 116 0.81 -25.81 -5.94
N GLY C 117 0.13 -26.22 -7.00
CA GLY C 117 0.81 -26.66 -8.22
C GLY C 117 1.61 -25.54 -8.87
N SER C 118 1.02 -24.34 -8.95
CA SER C 118 1.71 -23.20 -9.58
C SER C 118 2.91 -22.75 -8.75
N VAL C 119 2.75 -22.62 -7.43
CA VAL C 119 3.83 -22.20 -6.56
C VAL C 119 4.96 -23.25 -6.55
N ALA C 120 4.60 -24.54 -6.49
CA ALA C 120 5.60 -25.61 -6.51
C ALA C 120 6.39 -25.60 -7.82
N GLY C 121 5.71 -25.32 -8.94
CA GLY C 121 6.35 -25.23 -10.25
C GLY C 121 7.36 -24.08 -10.27
N ALA C 122 6.96 -22.92 -9.71
CA ALA C 122 7.85 -21.77 -9.62
C ALA C 122 9.07 -22.09 -8.76
N VAL C 123 8.89 -22.79 -7.62
CA VAL C 123 10.00 -23.17 -6.74
C VAL C 123 10.96 -24.10 -7.51
N LYS C 124 10.40 -25.07 -8.25
CA LYS C 124 11.19 -26.02 -9.03
C LYS C 124 12.06 -25.28 -10.08
N LEU C 125 11.48 -24.26 -10.72
CA LEU C 125 12.20 -23.46 -11.71
C LEU C 125 13.26 -22.60 -11.01
N ASN C 126 12.95 -21.99 -9.85
CA ASN C 126 13.93 -21.18 -9.11
C ASN C 126 15.15 -22.01 -8.71
N ARG C 127 14.91 -23.24 -8.27
CA ARG C 127 15.99 -24.15 -7.86
C ARG C 127 16.78 -24.77 -9.03
N GLN C 128 16.43 -24.42 -10.29
CA GLN C 128 17.06 -24.93 -11.51
C GLN C 128 16.98 -26.46 -11.60
N GLN C 129 15.90 -27.04 -11.07
CA GLN C 129 15.69 -28.47 -11.09
C GLN C 129 14.82 -28.93 -12.27
N THR C 130 14.34 -27.99 -13.11
CA THR C 130 13.53 -28.25 -14.29
C THR C 130 13.62 -27.07 -15.26
N ASP C 131 13.31 -27.33 -16.54
CA ASP C 131 13.29 -26.30 -17.58
C ASP C 131 11.86 -25.79 -17.76
N MET C 132 10.87 -26.70 -17.64
CA MET C 132 9.46 -26.42 -17.75
C MET C 132 8.71 -27.06 -16.59
N ALA C 133 7.69 -26.37 -16.09
CA ALA C 133 6.81 -26.85 -15.02
C ALA C 133 5.39 -26.64 -15.55
N VAL C 134 4.54 -27.66 -15.44
CA VAL C 134 3.18 -27.59 -15.97
C VAL C 134 2.16 -27.79 -14.86
N ASN C 135 1.16 -26.91 -14.77
CA ASN C 135 0.07 -27.04 -13.80
C ASN C 135 -1.22 -26.70 -14.52
N TRP C 136 -1.89 -27.72 -15.13
CA TRP C 136 -3.14 -27.45 -15.84
C TRP C 136 -4.27 -27.01 -14.91
N ALA C 137 -4.16 -27.26 -13.59
CA ALA C 137 -5.18 -26.79 -12.65
C ALA C 137 -5.04 -25.28 -12.29
N GLY C 138 -3.95 -24.65 -12.73
CA GLY C 138 -3.72 -23.24 -12.44
C GLY C 138 -4.17 -22.33 -13.57
N GLY C 139 -3.71 -21.09 -13.54
CA GLY C 139 -4.07 -20.11 -14.56
C GLY C 139 -5.35 -19.32 -14.27
N LEU C 140 -5.74 -19.23 -12.99
CA LEU C 140 -6.98 -18.53 -12.64
C LEU C 140 -6.73 -17.03 -12.48
N HIS C 141 -6.51 -16.41 -13.63
CA HIS C 141 -6.05 -15.05 -13.77
C HIS C 141 -6.97 -13.89 -13.35
N HIS C 142 -8.26 -14.13 -13.03
CA HIS C 142 -9.12 -13.00 -12.65
C HIS C 142 -9.15 -12.68 -11.16
N ALA C 143 -8.72 -13.62 -10.29
CA ALA C 143 -8.80 -13.37 -8.84
C ALA C 143 -8.08 -12.11 -8.41
N LYS C 144 -8.72 -11.31 -7.57
CA LYS C 144 -8.17 -10.03 -7.09
C LYS C 144 -7.72 -10.15 -5.64
N LYS C 145 -7.01 -9.13 -5.11
CA LYS C 145 -6.51 -9.19 -3.73
C LYS C 145 -7.59 -9.54 -2.70
N SER C 146 -8.76 -8.94 -2.85
CA SER C 146 -9.86 -9.17 -1.93
C SER C 146 -11.17 -9.35 -2.68
N GLU C 147 -11.15 -10.12 -3.78
CA GLU C 147 -12.37 -10.33 -4.54
C GLU C 147 -12.24 -11.52 -5.47
N ALA C 148 -13.25 -12.40 -5.46
CA ALA C 148 -13.32 -13.51 -6.41
C ALA C 148 -13.83 -12.87 -7.71
N SER C 149 -13.49 -13.46 -8.86
CA SER C 149 -13.95 -12.93 -10.13
C SER C 149 -13.81 -13.95 -11.21
N GLY C 150 -14.79 -14.00 -12.09
CA GLY C 150 -14.75 -14.87 -13.25
C GLY C 150 -14.25 -16.29 -13.05
N PHE C 151 -14.90 -16.99 -12.12
CA PHE C 151 -14.65 -18.37 -11.76
C PHE C 151 -13.35 -18.61 -10.98
N CYS C 152 -12.59 -17.54 -10.67
CA CYS C 152 -11.30 -17.58 -9.99
C CYS C 152 -11.45 -17.01 -8.57
N TYR C 153 -10.82 -17.68 -7.59
CA TYR C 153 -10.93 -17.21 -6.21
C TYR C 153 -9.56 -16.83 -5.69
N VAL C 154 -8.54 -17.65 -5.96
CA VAL C 154 -7.19 -17.37 -5.53
C VAL C 154 -6.32 -17.25 -6.78
N ASN C 155 -5.54 -16.17 -6.85
CA ASN C 155 -4.71 -15.92 -8.01
C ASN C 155 -3.43 -16.69 -7.92
N ASP C 156 -3.46 -17.95 -8.38
CA ASP C 156 -2.28 -18.80 -8.34
C ASP C 156 -1.14 -18.22 -9.18
N ILE C 157 -1.48 -17.49 -10.26
CA ILE C 157 -0.46 -16.93 -11.14
C ILE C 157 0.33 -15.85 -10.42
N VAL C 158 -0.34 -14.92 -9.75
CA VAL C 158 0.33 -13.85 -9.02
C VAL C 158 1.22 -14.46 -7.93
N LEU C 159 0.71 -15.45 -7.21
CA LEU C 159 1.50 -16.12 -6.16
C LEU C 159 2.75 -16.82 -6.75
N ALA C 160 2.61 -17.47 -7.91
CA ALA C 160 3.73 -18.13 -8.57
C ALA C 160 4.75 -17.10 -9.06
N ILE C 161 4.28 -15.95 -9.59
CA ILE C 161 5.18 -14.91 -10.06
C ILE C 161 5.92 -14.27 -8.89
N LEU C 162 5.25 -14.03 -7.75
CA LEU C 162 5.94 -13.50 -6.57
C LEU C 162 7.07 -14.46 -6.14
N GLU C 163 6.81 -15.78 -6.25
CA GLU C 163 7.85 -16.77 -5.95
C GLU C 163 9.00 -16.67 -6.97
N LEU C 164 8.68 -16.60 -8.30
CA LEU C 164 9.73 -16.46 -9.32
C LEU C 164 10.58 -15.20 -9.12
N LEU C 165 9.97 -14.12 -8.62
CA LEU C 165 10.65 -12.84 -8.41
C LEU C 165 11.76 -12.89 -7.37
N LYS C 166 11.83 -13.94 -6.56
CA LYS C 166 12.89 -14.08 -5.57
C LYS C 166 14.22 -14.41 -6.26
N TYR C 167 14.18 -15.11 -7.42
CA TYR C 167 15.37 -15.54 -8.15
C TYR C 167 15.51 -14.92 -9.55
N HIS C 168 14.47 -14.22 -10.03
CA HIS C 168 14.47 -13.62 -11.36
C HIS C 168 14.16 -12.13 -11.31
N GLN C 169 15.05 -11.31 -11.85
CA GLN C 169 14.86 -9.85 -11.87
C GLN C 169 13.65 -9.42 -12.71
N ARG C 170 13.48 -10.07 -13.86
CA ARG C 170 12.37 -9.76 -14.77
C ARG C 170 11.64 -11.04 -15.16
N VAL C 171 10.30 -11.02 -15.01
CA VAL C 171 9.45 -12.15 -15.36
C VAL C 171 8.44 -11.73 -16.43
N LEU C 172 8.26 -12.56 -17.47
CA LEU C 172 7.32 -12.24 -18.52
C LEU C 172 6.11 -13.13 -18.37
N TYR C 173 4.92 -12.54 -18.36
CA TYR C 173 3.68 -13.28 -18.25
C TYR C 173 2.96 -13.11 -19.59
N ILE C 174 2.60 -14.22 -20.24
CA ILE C 174 1.88 -14.19 -21.52
C ILE C 174 0.57 -14.92 -21.30
N ASP C 175 -0.54 -14.35 -21.75
CA ASP C 175 -1.87 -14.92 -21.51
C ASP C 175 -2.65 -15.06 -22.84
N ILE C 176 -2.88 -16.31 -23.28
CA ILE C 176 -3.63 -16.56 -24.52
C ILE C 176 -5.05 -17.05 -24.29
N ASP C 177 -5.56 -16.91 -23.04
CA ASP C 177 -6.97 -17.19 -22.74
C ASP C 177 -7.79 -16.15 -23.55
N ILE C 178 -9.04 -16.47 -23.94
CA ILE C 178 -9.83 -15.49 -24.69
C ILE C 178 -10.20 -14.25 -23.83
N HIS C 179 -10.18 -14.41 -22.49
CA HIS C 179 -10.53 -13.29 -21.59
C HIS C 179 -9.25 -12.55 -21.14
N HIS C 180 -9.35 -11.23 -20.95
CA HIS C 180 -8.20 -10.42 -20.50
C HIS C 180 -7.71 -10.91 -19.13
N GLY C 181 -6.39 -11.05 -18.95
CA GLY C 181 -5.80 -11.46 -17.67
C GLY C 181 -5.74 -10.28 -16.72
N ASP C 182 -6.90 -9.75 -16.33
CA ASP C 182 -6.97 -8.56 -15.51
C ASP C 182 -6.34 -8.68 -14.12
N GLY C 183 -6.58 -9.79 -13.42
CA GLY C 183 -6.04 -9.93 -12.07
C GLY C 183 -4.53 -9.88 -12.03
N VAL C 184 -3.89 -10.53 -13.01
CA VAL C 184 -2.42 -10.55 -13.09
C VAL C 184 -1.91 -9.19 -13.50
N GLU C 185 -2.55 -8.59 -14.51
CA GLU C 185 -2.16 -7.24 -14.97
C GLU C 185 -2.24 -6.23 -13.82
N GLU C 186 -3.33 -6.27 -13.05
CA GLU C 186 -3.53 -5.34 -11.94
C GLU C 186 -2.49 -5.55 -10.84
N ALA C 187 -2.17 -6.81 -10.51
CA ALA C 187 -1.17 -7.09 -9.47
C ALA C 187 0.18 -6.44 -9.76
N PHE C 188 0.59 -6.45 -11.05
CA PHE C 188 1.90 -5.94 -11.43
C PHE C 188 1.86 -4.65 -12.25
N TYR C 189 0.71 -3.95 -12.26
CA TYR C 189 0.54 -2.75 -13.07
C TYR C 189 1.56 -1.67 -12.87
N THR C 190 2.06 -1.51 -11.63
CA THR C 190 3.02 -0.43 -11.37
C THR C 190 4.45 -0.89 -11.20
N THR C 191 4.78 -2.10 -11.71
CA THR C 191 6.17 -2.56 -11.63
C THR C 191 6.72 -2.91 -12.99
N ASP C 192 8.04 -2.70 -13.12
CA ASP C 192 8.75 -3.09 -14.35
C ASP C 192 9.40 -4.47 -14.19
N ARG C 193 9.26 -5.12 -13.02
CA ARG C 193 9.82 -6.45 -12.80
C ARG C 193 8.96 -7.57 -13.39
N VAL C 194 7.74 -7.25 -13.82
CA VAL C 194 6.87 -8.19 -14.48
C VAL C 194 6.26 -7.49 -15.68
N MET C 195 6.37 -8.10 -16.86
CA MET C 195 5.70 -7.57 -18.05
C MET C 195 4.52 -8.50 -18.30
N THR C 196 3.32 -7.94 -18.45
CA THR C 196 2.13 -8.77 -18.70
C THR C 196 1.71 -8.54 -20.13
N VAL C 197 1.47 -9.61 -20.88
CA VAL C 197 1.07 -9.50 -22.28
C VAL C 197 -0.19 -10.34 -22.45
N SER C 198 -1.30 -9.71 -22.81
CA SER C 198 -2.56 -10.43 -22.96
C SER C 198 -3.15 -10.23 -24.37
N PHE C 199 -3.57 -11.34 -24.99
CA PHE C 199 -4.22 -11.34 -26.31
C PHE C 199 -5.64 -11.81 -25.97
N HIS C 200 -6.65 -11.00 -26.25
CA HIS C 200 -8.00 -11.36 -25.81
C HIS C 200 -9.11 -10.69 -26.58
N LYS C 201 -10.31 -11.24 -26.49
CA LYS C 201 -11.48 -10.64 -27.11
C LYS C 201 -11.81 -9.39 -26.28
N TYR C 202 -12.03 -8.27 -26.96
CA TYR C 202 -12.33 -7.01 -26.29
C TYR C 202 -13.53 -6.35 -26.96
N GLY C 203 -14.49 -5.89 -26.15
CA GLY C 203 -15.70 -5.23 -26.63
C GLY C 203 -16.93 -6.07 -26.34
N GLU C 204 -17.82 -5.62 -25.43
CA GLU C 204 -19.04 -6.34 -25.00
C GLU C 204 -18.64 -7.74 -24.53
N TYR C 205 -17.58 -7.81 -23.70
CA TYR C 205 -17.07 -9.09 -23.26
C TYR C 205 -16.38 -8.97 -21.92
N PHE C 206 -16.61 -9.94 -21.05
CA PHE C 206 -15.98 -9.98 -19.73
C PHE C 206 -14.47 -10.02 -19.85
N PRO C 207 -13.71 -9.34 -18.97
CA PRO C 207 -14.16 -8.47 -17.86
C PRO C 207 -14.32 -6.99 -18.21
N GLY C 208 -14.23 -6.64 -19.49
CA GLY C 208 -14.38 -5.24 -19.91
C GLY C 208 -13.10 -4.43 -19.91
N THR C 209 -11.99 -5.05 -19.52
CA THR C 209 -10.69 -4.39 -19.44
C THR C 209 -9.70 -4.91 -20.52
N GLY C 210 -8.49 -4.36 -20.55
CA GLY C 210 -7.48 -4.78 -21.50
C GLY C 210 -7.58 -3.99 -22.78
N ASP C 211 -7.84 -2.69 -22.65
CA ASP C 211 -7.90 -1.80 -23.79
C ASP C 211 -6.49 -1.59 -24.33
N LEU C 212 -6.39 -1.22 -25.62
CA LEU C 212 -5.09 -0.95 -26.24
C LEU C 212 -4.30 0.13 -25.44
N ARG C 213 -5.01 1.09 -24.83
CA ARG C 213 -4.41 2.20 -24.07
C ARG C 213 -3.93 1.83 -22.66
N ASP C 214 -4.24 0.61 -22.19
CA ASP C 214 -3.84 0.18 -20.86
C ASP C 214 -2.41 -0.35 -20.96
N ILE C 215 -1.43 0.50 -20.66
CA ILE C 215 -0.03 0.14 -20.79
C ILE C 215 0.77 0.16 -19.49
N GLY C 216 0.09 0.31 -18.36
CA GLY C 216 0.80 0.33 -17.07
C GLY C 216 0.90 1.72 -16.50
N ALA C 217 1.34 1.84 -15.24
CA ALA C 217 1.49 3.16 -14.59
C ALA C 217 2.77 3.19 -13.72
N GLY C 218 3.26 4.40 -13.42
CA GLY C 218 4.49 4.56 -12.63
C GLY C 218 5.66 3.88 -13.30
N LYS C 219 6.48 3.14 -12.53
CA LYS C 219 7.61 2.39 -13.12
C LYS C 219 7.13 1.29 -14.09
N GLY C 220 5.87 0.89 -14.00
CA GLY C 220 5.32 -0.13 -14.87
C GLY C 220 4.77 0.42 -16.17
N LYS C 221 4.96 1.74 -16.45
CA LYS C 221 4.49 2.32 -17.72
C LYS C 221 5.26 1.67 -18.87
N TYR C 222 4.52 1.12 -19.83
CA TYR C 222 5.00 0.36 -20.98
C TYR C 222 5.25 -1.13 -20.66
N TYR C 223 5.00 -1.56 -19.41
CA TYR C 223 5.21 -2.96 -19.05
C TYR C 223 3.93 -3.78 -18.98
N ALA C 224 2.81 -3.23 -19.48
CA ALA C 224 1.56 -3.98 -19.61
C ALA C 224 1.23 -3.85 -21.10
N VAL C 225 0.96 -4.98 -21.77
CA VAL C 225 0.69 -5.02 -23.22
C VAL C 225 -0.66 -5.71 -23.43
N ASN C 226 -1.55 -5.07 -24.21
CA ASN C 226 -2.87 -5.63 -24.48
C ASN C 226 -3.15 -5.61 -25.97
N PHE C 227 -3.55 -6.76 -26.51
CA PHE C 227 -3.86 -6.86 -27.94
C PHE C 227 -5.34 -7.18 -27.98
N PRO C 228 -6.19 -6.15 -28.08
CA PRO C 228 -7.63 -6.39 -28.11
C PRO C 228 -8.05 -6.95 -29.47
N MET C 229 -8.85 -8.02 -29.48
CA MET C 229 -9.30 -8.68 -30.71
C MET C 229 -10.81 -8.75 -30.81
N ARG C 230 -11.31 -8.95 -32.04
CA ARG C 230 -12.73 -9.11 -32.30
C ARG C 230 -13.00 -10.62 -32.55
N ASP C 231 -14.27 -11.02 -32.71
CA ASP C 231 -14.62 -12.43 -32.94
C ASP C 231 -13.94 -13.07 -34.16
N GLY C 232 -13.88 -14.39 -34.15
CA GLY C 232 -13.42 -15.18 -35.27
C GLY C 232 -11.97 -15.18 -35.69
N ILE C 233 -11.03 -14.71 -34.83
CA ILE C 233 -9.61 -14.76 -35.22
C ILE C 233 -9.18 -16.19 -35.50
N ASP C 234 -8.41 -16.42 -36.57
CA ASP C 234 -8.01 -17.77 -36.96
C ASP C 234 -6.52 -18.02 -36.76
N ASP C 235 -6.05 -19.25 -36.99
CA ASP C 235 -4.65 -19.63 -36.83
C ASP C 235 -3.68 -18.71 -37.55
N GLU C 236 -3.93 -18.42 -38.83
CA GLU C 236 -3.06 -17.56 -39.61
C GLU C 236 -2.96 -16.16 -39.03
N SER C 237 -4.11 -15.50 -38.77
CA SER C 237 -4.11 -14.13 -38.25
C SER C 237 -3.49 -14.03 -36.84
N TYR C 238 -3.80 -15.00 -35.98
CA TYR C 238 -3.28 -15.00 -34.61
C TYR C 238 -1.78 -15.26 -34.63
N GLY C 239 -1.34 -16.23 -35.42
CA GLY C 239 0.07 -16.58 -35.54
C GLY C 239 0.92 -15.45 -36.05
N GLN C 240 0.36 -14.64 -36.97
CA GLN C 240 1.04 -13.48 -37.56
C GLN C 240 1.20 -12.31 -36.60
N ILE C 241 0.48 -12.30 -35.47
CA ILE C 241 0.65 -11.22 -34.51
C ILE C 241 1.39 -11.72 -33.27
N PHE C 242 1.15 -12.99 -32.86
CA PHE C 242 1.79 -13.55 -31.68
C PHE C 242 3.31 -13.62 -31.79
N LYS C 243 3.83 -14.25 -32.85
CA LYS C 243 5.28 -14.38 -32.99
C LYS C 243 6.00 -13.02 -33.08
N PRO C 244 5.59 -12.06 -33.94
CA PRO C 244 6.30 -10.77 -33.98
C PRO C 244 6.23 -9.98 -32.67
N ILE C 245 5.05 -9.98 -32.01
CA ILE C 245 4.89 -9.26 -30.73
C ILE C 245 5.77 -9.90 -29.65
N ILE C 246 5.68 -11.22 -29.48
CA ILE C 246 6.48 -11.91 -28.46
C ILE C 246 7.98 -11.78 -28.76
N SER C 247 8.39 -11.85 -30.05
CA SER C 247 9.82 -11.68 -30.36
C SER C 247 10.31 -10.28 -29.99
N LYS C 248 9.51 -9.25 -30.25
CA LYS C 248 9.91 -7.88 -29.90
C LYS C 248 9.93 -7.72 -28.37
N VAL C 249 8.95 -8.35 -27.68
CA VAL C 249 8.92 -8.31 -26.21
C VAL C 249 10.21 -8.97 -25.64
N MET C 250 10.58 -10.16 -26.13
CA MET C 250 11.78 -10.87 -25.67
C MET C 250 13.04 -10.02 -25.87
N GLU C 251 13.14 -9.40 -27.06
CA GLU C 251 14.26 -8.55 -27.44
C GLU C 251 14.44 -7.34 -26.51
N MET C 252 13.35 -6.57 -26.31
CA MET C 252 13.32 -5.37 -25.48
C MET C 252 13.35 -5.61 -23.98
N TYR C 253 12.59 -6.60 -23.51
CA TYR C 253 12.48 -6.86 -22.07
C TYR C 253 13.54 -7.80 -21.49
N GLN C 254 14.01 -8.79 -22.29
CA GLN C 254 15.01 -9.75 -21.85
C GLN C 254 14.66 -10.43 -20.50
N PRO C 255 13.49 -11.08 -20.40
CA PRO C 255 13.13 -11.73 -19.15
C PRO C 255 13.97 -12.96 -18.84
N SER C 256 14.07 -13.33 -17.56
CA SER C 256 14.80 -14.54 -17.19
C SER C 256 13.89 -15.71 -16.85
N ALA C 257 12.56 -15.50 -16.82
CA ALA C 257 11.58 -16.56 -16.59
C ALA C 257 10.28 -16.15 -17.28
N VAL C 258 9.50 -17.16 -17.72
CA VAL C 258 8.26 -16.89 -18.41
C VAL C 258 7.15 -17.71 -17.81
N VAL C 259 5.96 -17.11 -17.71
CA VAL C 259 4.77 -17.81 -17.24
C VAL C 259 3.78 -17.68 -18.38
N LEU C 260 3.31 -18.81 -18.88
CA LEU C 260 2.37 -18.81 -20.00
C LEU C 260 1.04 -19.41 -19.55
N GLN C 261 -0.02 -18.61 -19.58
CA GLN C 261 -1.39 -19.02 -19.23
C GLN C 261 -1.96 -19.51 -20.57
N CYS C 262 -2.30 -20.81 -20.64
CA CYS C 262 -2.77 -21.49 -21.87
C CYS C 262 -4.27 -21.70 -21.93
N GLY C 263 -5.06 -20.70 -21.51
CA GLY C 263 -6.53 -20.77 -21.54
C GLY C 263 -7.06 -21.29 -22.87
N ALA C 264 -7.74 -22.44 -22.83
CA ALA C 264 -8.22 -23.10 -24.04
C ALA C 264 -9.55 -22.61 -24.58
N ASP C 265 -10.10 -21.54 -23.98
CA ASP C 265 -11.34 -20.97 -24.45
C ASP C 265 -11.18 -20.08 -25.71
N SER C 266 -9.93 -19.93 -26.19
CA SER C 266 -9.66 -19.21 -27.44
C SER C 266 -9.77 -20.23 -28.63
N LEU C 267 -10.15 -21.50 -28.38
CA LEU C 267 -10.30 -22.49 -29.44
C LEU C 267 -11.66 -22.37 -30.09
N SER C 268 -11.74 -22.80 -31.36
CA SER C 268 -12.98 -22.84 -32.12
C SER C 268 -13.93 -23.83 -31.39
N GLY C 269 -15.21 -23.49 -31.33
CA GLY C 269 -16.20 -24.35 -30.70
C GLY C 269 -16.31 -24.25 -29.19
N ASP C 270 -15.60 -23.28 -28.56
CA ASP C 270 -15.69 -23.12 -27.11
C ASP C 270 -17.06 -22.61 -26.70
N ARG C 271 -17.62 -23.16 -25.62
CA ARG C 271 -18.92 -22.78 -25.11
C ARG C 271 -19.06 -21.28 -24.81
N LEU C 272 -18.00 -20.66 -24.27
CA LEU C 272 -18.05 -19.23 -23.92
C LEU C 272 -17.29 -18.32 -24.88
N GLY C 273 -16.28 -18.87 -25.54
CA GLY C 273 -15.43 -18.11 -26.45
C GLY C 273 -15.91 -18.05 -27.88
N CYS C 274 -15.48 -17.02 -28.61
CA CYS C 274 -15.85 -16.80 -29.99
C CYS C 274 -14.64 -16.61 -30.92
N PHE C 275 -13.52 -17.27 -30.62
CA PHE C 275 -12.34 -17.26 -31.47
C PHE C 275 -12.40 -18.55 -32.34
N ASN C 276 -11.53 -18.64 -33.37
CA ASN C 276 -11.58 -19.78 -34.27
C ASN C 276 -10.24 -20.50 -34.39
N LEU C 277 -9.48 -20.59 -33.28
CA LEU C 277 -8.20 -21.29 -33.32
C LEU C 277 -8.35 -22.79 -33.29
N THR C 278 -7.37 -23.49 -33.87
CA THR C 278 -7.35 -24.95 -33.79
C THR C 278 -6.36 -25.29 -32.65
N VAL C 279 -6.27 -26.56 -32.22
CA VAL C 279 -5.31 -26.98 -31.19
C VAL C 279 -3.88 -26.67 -31.69
N LYS C 280 -3.61 -26.88 -33.00
CA LYS C 280 -2.30 -26.57 -33.57
C LYS C 280 -1.99 -25.07 -33.51
N GLY C 281 -2.97 -24.23 -33.80
CA GLY C 281 -2.81 -22.78 -33.77
C GLY C 281 -2.56 -22.27 -32.37
N HIS C 282 -3.28 -22.86 -31.39
CA HIS C 282 -3.13 -22.52 -29.99
C HIS C 282 -1.75 -22.98 -29.50
N ALA C 283 -1.36 -24.26 -29.80
CA ALA C 283 -0.06 -24.81 -29.39
C ALA C 283 1.12 -24.12 -30.04
N LYS C 284 0.90 -23.45 -31.20
CA LYS C 284 1.96 -22.68 -31.86
C LYS C 284 2.54 -21.63 -30.88
N CYS C 285 1.69 -21.08 -30.00
CA CYS C 285 2.10 -20.12 -28.97
C CYS C 285 3.13 -20.74 -28.03
N VAL C 286 2.90 -21.99 -27.61
CA VAL C 286 3.83 -22.69 -26.74
C VAL C 286 5.16 -22.91 -27.47
N GLU C 287 5.08 -23.32 -28.74
CA GLU C 287 6.26 -23.57 -29.57
C GLU C 287 7.11 -22.32 -29.70
N VAL C 288 6.48 -21.17 -29.98
CA VAL C 288 7.19 -19.90 -30.13
C VAL C 288 7.89 -19.54 -28.82
N VAL C 289 7.15 -19.63 -27.71
CA VAL C 289 7.73 -19.32 -26.40
C VAL C 289 8.94 -20.22 -26.09
N LYS C 290 8.86 -21.51 -26.42
CA LYS C 290 9.95 -22.44 -26.16
C LYS C 290 11.27 -22.10 -26.89
N THR C 291 11.19 -21.49 -28.08
CA THR C 291 12.39 -21.13 -28.86
C THR C 291 13.33 -20.17 -28.11
N PHE C 292 12.83 -19.45 -27.09
CA PHE C 292 13.67 -18.52 -26.35
C PHE C 292 14.52 -19.20 -25.23
N ASN C 293 14.31 -20.50 -25.00
CA ASN C 293 15.07 -21.29 -24.03
C ASN C 293 15.12 -20.68 -22.62
N LEU C 294 13.97 -20.21 -22.12
CA LEU C 294 13.93 -19.64 -20.77
C LEU C 294 13.13 -20.55 -19.83
N PRO C 295 13.38 -20.51 -18.50
CA PRO C 295 12.56 -21.30 -17.55
C PRO C 295 11.09 -20.93 -17.78
N LEU C 296 10.23 -21.93 -17.94
CA LEU C 296 8.85 -21.70 -18.30
C LEU C 296 7.85 -22.42 -17.41
N LEU C 297 6.84 -21.68 -16.94
CA LEU C 297 5.78 -22.25 -16.14
C LEU C 297 4.54 -22.19 -17.03
N MET C 298 4.01 -23.35 -17.44
CA MET C 298 2.82 -23.40 -18.29
C MET C 298 1.63 -23.70 -17.40
N LEU C 299 0.59 -22.87 -17.47
CA LEU C 299 -0.60 -23.01 -16.65
C LEU C 299 -1.86 -23.15 -17.49
N GLY C 300 -2.92 -23.66 -16.89
CA GLY C 300 -4.21 -23.78 -17.55
C GLY C 300 -4.96 -22.45 -17.56
N GLY C 301 -6.26 -22.51 -17.41
CA GLY C 301 -7.10 -21.32 -17.42
C GLY C 301 -8.48 -21.72 -17.89
N GLY C 302 -9.07 -20.89 -18.75
CA GLY C 302 -10.39 -21.17 -19.31
C GLY C 302 -10.40 -22.35 -20.26
N GLY C 303 -11.57 -22.67 -20.77
CA GLY C 303 -11.77 -23.81 -21.67
C GLY C 303 -13.04 -24.46 -21.20
N TYR C 304 -14.12 -24.34 -21.99
CA TYR C 304 -15.44 -24.75 -21.57
C TYR C 304 -16.11 -25.83 -22.46
N THR C 305 -15.45 -26.28 -23.53
CA THR C 305 -15.93 -27.43 -24.33
C THR C 305 -14.86 -28.42 -23.91
N ILE C 306 -15.11 -29.13 -22.81
CA ILE C 306 -14.09 -29.94 -22.13
C ILE C 306 -13.40 -31.00 -22.99
N ARG C 307 -14.06 -31.60 -24.01
CA ARG C 307 -13.35 -32.58 -24.86
C ARG C 307 -12.23 -31.87 -25.65
N ASN C 308 -12.41 -30.59 -26.03
CA ASN C 308 -11.39 -29.83 -26.75
C ASN C 308 -10.29 -29.33 -25.81
N VAL C 309 -10.61 -29.10 -24.53
CA VAL C 309 -9.60 -28.69 -23.55
C VAL C 309 -8.65 -29.85 -23.34
N ALA C 310 -9.19 -31.08 -23.20
CA ALA C 310 -8.35 -32.26 -23.05
C ALA C 310 -7.42 -32.44 -24.24
N ARG C 311 -7.93 -32.23 -25.45
CA ARG C 311 -7.11 -32.32 -26.67
C ARG C 311 -6.01 -31.26 -26.67
N CYS C 312 -6.38 -30.02 -26.41
CA CYS C 312 -5.46 -28.89 -26.39
C CYS C 312 -4.32 -29.05 -25.40
N TRP C 313 -4.64 -29.31 -24.12
CA TRP C 313 -3.58 -29.40 -23.10
C TRP C 313 -2.75 -30.68 -23.24
N THR C 314 -3.33 -31.77 -23.80
CA THR C 314 -2.55 -32.98 -24.06
C THR C 314 -1.51 -32.65 -25.14
N TYR C 315 -1.94 -31.97 -26.21
CA TYR C 315 -1.03 -31.60 -27.30
C TYR C 315 0.03 -30.62 -26.82
N GLU C 316 -0.35 -29.64 -25.98
CA GLU C 316 0.64 -28.69 -25.45
C GLU C 316 1.62 -29.35 -24.47
N THR C 317 1.21 -30.44 -23.81
CA THR C 317 2.14 -31.18 -22.93
C THR C 317 3.15 -31.90 -23.86
N ALA C 318 2.69 -32.46 -24.99
CA ALA C 318 3.57 -33.14 -25.95
C ALA C 318 4.54 -32.14 -26.56
N VAL C 319 4.09 -30.88 -26.82
CA VAL C 319 4.93 -29.81 -27.36
C VAL C 319 6.02 -29.52 -26.32
N ALA C 320 5.65 -29.38 -25.04
CA ALA C 320 6.63 -29.14 -23.97
C ALA C 320 7.70 -30.25 -23.94
N LEU C 321 7.29 -31.51 -24.11
CA LEU C 321 8.20 -32.64 -24.14
C LEU C 321 8.92 -32.82 -25.49
N ASP C 322 8.54 -32.05 -26.53
CA ASP C 322 9.10 -32.17 -27.89
C ASP C 322 8.90 -33.62 -28.38
N CYS C 323 7.70 -34.17 -28.12
CA CYS C 323 7.36 -35.52 -28.49
CA CYS C 323 7.35 -35.53 -28.49
C CYS C 323 6.19 -35.50 -29.47
N GLU C 324 6.38 -36.07 -30.66
CA GLU C 324 5.31 -36.12 -31.64
C GLU C 324 4.31 -37.18 -31.19
N ILE C 325 3.03 -36.87 -31.25
CA ILE C 325 1.97 -37.82 -30.87
C ILE C 325 1.00 -37.96 -32.05
N PRO C 326 0.52 -39.18 -32.33
CA PRO C 326 -0.37 -39.36 -33.48
C PRO C 326 -1.74 -38.73 -33.32
N ASN C 327 -2.38 -38.41 -34.46
CA ASN C 327 -3.71 -37.80 -34.49
C ASN C 327 -4.78 -38.79 -33.96
N GLU C 328 -4.52 -40.10 -34.06
CA GLU C 328 -5.45 -41.11 -33.58
C GLU C 328 -5.36 -41.14 -32.07
N LEU C 329 -6.47 -40.80 -31.38
CA LEU C 329 -6.45 -40.82 -29.92
C LEU C 329 -6.25 -42.23 -29.42
N PRO C 330 -5.42 -42.42 -28.40
CA PRO C 330 -5.27 -43.77 -27.84
C PRO C 330 -6.53 -44.11 -27.06
N TYR C 331 -6.66 -45.38 -26.68
CA TYR C 331 -7.80 -45.80 -25.86
C TYR C 331 -7.63 -45.11 -24.48
N ASN C 332 -8.72 -44.68 -23.85
CA ASN C 332 -8.66 -44.01 -22.57
C ASN C 332 -10.02 -44.08 -21.84
N ASP C 333 -10.04 -43.69 -20.55
CA ASP C 333 -11.24 -43.71 -19.70
C ASP C 333 -12.39 -42.88 -20.20
N TYR C 334 -12.15 -41.96 -21.13
CA TYR C 334 -13.20 -41.10 -21.67
C TYR C 334 -13.29 -41.19 -23.18
N PHE C 335 -12.84 -42.32 -23.78
CA PHE C 335 -12.81 -42.53 -25.23
C PHE C 335 -14.09 -42.11 -25.93
N GLU C 336 -15.25 -42.56 -25.41
CA GLU C 336 -16.56 -42.26 -25.97
C GLU C 336 -16.85 -40.76 -26.13
N TYR C 337 -16.29 -39.91 -25.25
CA TYR C 337 -16.48 -38.45 -25.29
C TYR C 337 -15.93 -37.82 -26.58
N PHE C 338 -14.94 -38.47 -27.22
CA PHE C 338 -14.29 -37.94 -28.40
C PHE C 338 -14.83 -38.44 -29.75
N GLY C 339 -15.98 -39.10 -29.73
CA GLY C 339 -16.58 -39.63 -30.94
C GLY C 339 -17.24 -38.60 -31.83
N PRO C 340 -17.58 -38.95 -33.10
CA PRO C 340 -17.45 -40.26 -33.75
C PRO C 340 -16.11 -40.52 -34.45
N ASP C 341 -15.23 -39.52 -34.56
CA ASP C 341 -13.95 -39.70 -35.25
C ASP C 341 -12.78 -40.04 -34.36
N PHE C 342 -12.84 -39.69 -33.05
CA PHE C 342 -11.79 -40.02 -32.10
C PHE C 342 -10.40 -39.50 -32.48
N LYS C 343 -10.32 -38.26 -32.96
CA LYS C 343 -9.04 -37.66 -33.35
C LYS C 343 -8.60 -36.56 -32.38
N LEU C 344 -7.30 -36.25 -32.36
CA LEU C 344 -6.74 -35.24 -31.47
C LEU C 344 -6.97 -33.83 -32.01
N HIS C 345 -6.77 -33.65 -33.31
CA HIS C 345 -6.89 -32.32 -33.90
C HIS C 345 -8.30 -32.00 -34.40
N ILE C 346 -8.71 -30.77 -34.17
CA ILE C 346 -10.02 -30.29 -34.56
C ILE C 346 -9.94 -29.39 -35.78
N SER C 347 -11.04 -29.27 -36.50
CA SER C 347 -11.11 -28.39 -37.67
C SER C 347 -11.71 -27.08 -37.22
N PRO C 348 -11.25 -25.93 -37.78
CA PRO C 348 -11.89 -24.66 -37.42
C PRO C 348 -13.30 -24.62 -38.01
N SER C 349 -14.12 -23.70 -37.50
CA SER C 349 -15.48 -23.53 -38.01
C SER C 349 -15.42 -22.55 -39.21
N ASN C 350 -16.57 -22.30 -39.85
CA ASN C 350 -16.63 -21.36 -40.97
C ASN C 350 -17.00 -19.94 -40.49
N MET C 351 -16.86 -19.64 -39.18
CA MET C 351 -17.21 -18.32 -38.67
C MET C 351 -16.36 -17.24 -39.30
N THR C 352 -16.95 -16.07 -39.46
CA THR C 352 -16.29 -14.94 -40.07
C THR C 352 -15.24 -14.32 -39.13
N ASN C 353 -14.04 -14.05 -39.66
CA ASN C 353 -12.99 -13.41 -38.88
C ASN C 353 -13.28 -11.91 -38.93
N GLN C 354 -13.71 -11.33 -37.79
CA GLN C 354 -14.06 -9.90 -37.73
C GLN C 354 -12.84 -8.97 -37.56
N ASN C 355 -11.63 -9.52 -37.48
CA ASN C 355 -10.41 -8.72 -37.36
C ASN C 355 -9.91 -8.49 -38.76
N THR C 356 -10.09 -7.29 -39.28
CA THR C 356 -9.62 -7.00 -40.64
C THR C 356 -8.10 -6.88 -40.64
N PRO C 357 -7.46 -7.10 -41.80
CA PRO C 357 -6.01 -6.89 -41.89
C PRO C 357 -5.62 -5.46 -41.46
N GLU C 358 -6.45 -4.45 -41.79
CA GLU C 358 -6.18 -3.07 -41.41
C GLU C 358 -6.17 -2.91 -39.88
N TYR C 359 -7.16 -3.53 -39.22
CA TYR C 359 -7.28 -3.44 -37.77
C TYR C 359 -6.08 -4.09 -37.09
N MET C 360 -5.74 -5.30 -37.51
CA MET C 360 -4.62 -6.03 -36.92
C MET C 360 -3.29 -5.29 -37.08
N GLU C 361 -3.06 -4.68 -38.26
CA GLU C 361 -1.82 -3.93 -38.49
C GLU C 361 -1.77 -2.68 -37.61
N LYS C 362 -2.90 -2.02 -37.40
CA LYS C 362 -2.98 -0.82 -36.58
C LYS C 362 -2.61 -1.15 -35.11
N ILE C 363 -3.14 -2.27 -34.59
CA ILE C 363 -2.85 -2.67 -33.20
C ILE C 363 -1.38 -3.08 -33.08
N LYS C 364 -0.90 -3.91 -34.01
CA LYS C 364 0.49 -4.36 -34.00
C LYS C 364 1.46 -3.18 -34.07
N GLN C 365 1.17 -2.16 -34.90
CA GLN C 365 2.06 -1.00 -34.97
C GLN C 365 2.08 -0.22 -33.67
N ARG C 366 0.92 -0.05 -33.04
CA ARG C 366 0.83 0.65 -31.76
C ARG C 366 1.65 -0.09 -30.69
N LEU C 367 1.55 -1.43 -30.65
CA LEU C 367 2.29 -2.21 -29.67
C LEU C 367 3.78 -2.10 -29.91
N PHE C 368 4.22 -2.10 -31.18
CA PHE C 368 5.64 -1.95 -31.50
C PHE C 368 6.14 -0.59 -31.05
N GLU C 369 5.32 0.46 -31.21
CA GLU C 369 5.67 1.82 -30.79
C GLU C 369 5.84 1.85 -29.26
N ASN C 370 4.93 1.19 -28.54
CA ASN C 370 5.02 1.14 -27.07
C ASN C 370 6.23 0.36 -26.61
N LEU C 371 6.55 -0.74 -27.31
CA LEU C 371 7.70 -1.57 -26.98
C LEU C 371 9.03 -0.84 -27.21
N ARG C 372 9.07 0.10 -28.17
CA ARG C 372 10.27 0.89 -28.42
C ARG C 372 10.55 1.91 -27.27
N MET C 373 9.54 2.21 -26.43
CA MET C 373 9.66 3.12 -25.27
C MET C 373 10.41 2.49 -24.10
N LEU C 374 10.67 1.17 -24.13
CA LEU C 374 11.40 0.46 -23.08
C LEU C 374 12.89 0.86 -23.11
N PRO C 375 13.58 0.90 -21.95
CA PRO C 375 15.01 1.24 -21.97
C PRO C 375 15.88 0.18 -22.64
#